data_5M11
#
_entry.id   5M11
#
_cell.length_a   115.520
_cell.length_b   115.520
_cell.length_c   139.880
_cell.angle_alpha   90.00
_cell.angle_beta   90.00
_cell.angle_gamma   90.00
#
_symmetry.space_group_name_H-M   'P 43 21 2'
#
loop_
_entity.id
_entity.type
_entity.pdbx_description
1 polymer 'Immunoreactive 84kD antigen PG93'
2 non-polymer 'CALCIUM ION'
3 non-polymer 'ZINC ION'
4 non-polymer 'CACODYLATE ION'
5 non-polymer 'CHLORIDE ION'
6 non-polymer 'TETRAETHYLENE GLYCOL'
7 non-polymer DI(HYDROXYETHYL)ETHER
8 non-polymer GLYCEROL
9 water water
#
_entity_poly.entity_id   1
_entity_poly.type   'polypeptide(L)'
_entity_poly.pdbx_seq_one_letter_code
;GPLGSPEFPGGIWNTLLAIHKTEKAVETPKKVFAVANGVLYSVGKEAPHEAKIFDRISGLSDTSVSSIAYSEQLKSLVIY
YASGNIDILDEAGRVTNVPALKDNIDLIDKTLNRLLIVGNRAYLAGGFGLSVLDVAEARIPATYAKGTKVTDVAKLDNDR
LLMLKEGQLFIGKETDNLQDPAAWTALSLNLPMGSVTGLGIVGEDICFLLADGRVYVAANQSFEPELLLSSSADSRLYVT
DRGLFICAENRIYFIEKGRKTTQFPIADVLGVGAMNESNTAYIALGEEGLASLLLAEGSTAEAMPVAFDGPGDNDFYEMR
FSHGRLYAASGLWGTNLMGHAGMVKLYDGNRWTNFDKKTVQEQLGGGFSFNDAIDIAVSNGDPDHFFVGTWGNGLFEFKD
GKAIARYSGNETAIAECNPGDARVKAIAFDNKGNLWGTLGAVGKNIFMYDPQSSTWHSFSYPDVANLASFGNMIILPNGD
KWVNILHRSGGSTRKGVLIFNDRGTPETTSDDSHLYVEQFVNRLGAAIGHKTIYAMAVDHNGSVWMGSDIGIFGVYNAAG
VLSSTSTPIAVRPVGGEEPNLYYVLDKVTVTDIVVDKLNHKWVATQGTGLYLLSEDCSKILAQFTVENSPLLSNNILSLA
LNDDNGLLYIGTADGLMTFQTGTGSGSASELDGVYVYPNPLRPEYPDGVTIAGLQAGCSVKITDTTGRLLYQTESVTTEV
KWNARGADGNRVASGVYAVAVYDPVSKKSKLIRFAVIR
;
_entity_poly.pdbx_strand_id   A
#
# COMPACT_ATOMS: atom_id res chain seq x y z
N GLY A 11 -3.06 19.45 -0.65
CA GLY A 11 -2.20 18.91 -1.70
C GLY A 11 -2.88 17.78 -2.47
N ILE A 12 -2.69 17.77 -3.80
CA ILE A 12 -3.29 16.87 -4.79
C ILE A 12 -3.10 15.34 -4.44
N TRP A 13 -1.91 14.90 -4.01
CA TRP A 13 -1.66 13.50 -3.63
C TRP A 13 -1.55 13.36 -2.14
N ASN A 14 -2.10 12.28 -1.58
CA ASN A 14 -2.00 11.98 -0.16
C ASN A 14 -1.96 10.46 0.07
N THR A 15 -1.38 10.01 1.22
CA THR A 15 -1.30 8.60 1.57
C THR A 15 -2.08 8.30 2.85
N LEU A 16 -2.84 7.19 2.83
CA LEU A 16 -3.66 6.73 3.94
C LEU A 16 -3.09 5.36 4.44
N LEU A 17 -1.95 5.48 5.14
CA LEU A 17 -1.15 4.36 5.61
C LEU A 17 -1.51 3.95 7.04
N ALA A 18 -1.26 2.66 7.34
CA ALA A 18 -1.53 2.00 8.61
C ALA A 18 -0.31 2.00 9.60
N ILE A 19 -0.60 2.13 10.90
CA ILE A 19 0.44 2.10 11.93
C ILE A 19 0.44 0.65 12.46
N HIS A 20 -0.49 0.28 13.36
CA HIS A 20 -0.67 -1.08 13.87
C HIS A 20 0.68 -1.65 14.53
N LYS A 21 1.27 -2.74 13.97
CA LYS A 21 2.39 -3.54 14.50
C LYS A 21 3.74 -2.80 14.58
N THR A 22 4.04 -2.16 15.75
CA THR A 22 5.30 -1.42 16.00
C THR A 22 6.42 -2.44 16.16
N GLU A 23 7.25 -2.57 15.12
CA GLU A 23 8.34 -3.53 15.02
C GLU A 23 9.70 -2.96 15.46
N LYS A 24 9.82 -1.62 15.60
CA LYS A 24 11.07 -0.94 15.98
C LYS A 24 10.79 0.35 16.77
N ALA A 25 11.77 0.76 17.60
CA ALA A 25 11.71 1.93 18.49
C ALA A 25 13.10 2.50 18.72
N VAL A 26 13.23 3.84 18.66
CA VAL A 26 14.48 4.59 18.82
C VAL A 26 14.23 5.80 19.73
N GLU A 27 15.09 6.02 20.75
CA GLU A 27 15.00 7.19 21.62
C GLU A 27 15.82 8.36 21.04
N THR A 28 15.19 9.56 20.99
CA THR A 28 15.73 10.86 20.53
C THR A 28 15.68 11.79 21.77
N PRO A 29 16.58 12.80 21.95
CA PRO A 29 16.49 13.67 23.14
C PRO A 29 15.10 14.23 23.43
N LYS A 30 14.31 14.57 22.40
CA LYS A 30 12.96 15.11 22.60
C LYS A 30 11.83 14.28 21.89
N LYS A 31 12.17 13.19 21.17
CA LYS A 31 11.18 12.38 20.44
C LYS A 31 11.43 10.88 20.55
N VAL A 32 10.47 10.06 20.12
CA VAL A 32 10.58 8.61 20.10
C VAL A 32 10.22 8.16 18.71
N PHE A 33 11.22 7.79 17.92
CA PHE A 33 10.94 7.34 16.55
C PHE A 33 10.61 5.87 16.58
N ALA A 34 9.62 5.46 15.80
CA ALA A 34 9.17 4.07 15.77
C ALA A 34 8.68 3.69 14.40
N VAL A 35 8.77 2.40 14.09
CA VAL A 35 8.36 1.86 12.78
C VAL A 35 7.30 0.79 13.00
N ALA A 36 6.18 0.92 12.27
CA ALA A 36 5.08 -0.02 12.32
C ALA A 36 4.62 -0.42 10.91
N ASN A 37 5.05 -1.62 10.45
CA ASN A 37 4.75 -2.26 9.15
C ASN A 37 5.49 -1.61 7.97
N GLY A 38 6.43 -0.73 8.28
CA GLY A 38 7.23 -0.03 7.28
C GLY A 38 7.01 1.46 7.29
N VAL A 39 6.07 1.90 8.15
CA VAL A 39 5.69 3.30 8.28
C VAL A 39 6.46 3.89 9.44
N LEU A 40 7.29 4.90 9.15
CA LEU A 40 8.09 5.58 10.16
C LEU A 40 7.23 6.63 10.81
N TYR A 41 7.38 6.83 12.13
CA TYR A 41 6.61 7.85 12.86
C TYR A 41 7.33 8.30 14.13
N SER A 42 7.02 9.52 14.56
CA SER A 42 7.53 10.22 15.72
C SER A 42 6.50 10.20 16.86
N VAL A 43 6.93 10.37 18.14
CA VAL A 43 6.10 10.46 19.36
C VAL A 43 6.84 11.37 20.37
N GLY A 44 6.14 12.36 20.91
CA GLY A 44 6.72 13.27 21.90
C GLY A 44 6.94 12.60 23.24
N LYS A 45 8.00 13.02 23.97
CA LYS A 45 8.33 12.44 25.29
C LYS A 45 7.64 13.22 26.45
N GLU A 46 8.39 14.08 27.20
CA GLU A 46 7.94 14.91 28.34
C GLU A 46 6.57 15.61 28.07
N ALA A 47 6.44 16.22 26.87
CA ALA A 47 5.24 16.92 26.45
C ALA A 47 4.14 15.91 25.99
N PRO A 48 2.83 16.24 26.17
CA PRO A 48 1.77 15.31 25.74
C PRO A 48 1.68 15.19 24.21
N HIS A 49 2.45 14.20 23.67
CA HIS A 49 2.56 13.84 22.26
C HIS A 49 3.20 14.96 21.41
N GLU A 50 2.43 15.48 20.42
CA GLU A 50 2.79 16.43 19.35
C GLU A 50 3.63 15.62 18.34
N ALA A 51 3.23 14.34 18.16
CA ALA A 51 3.83 13.30 17.31
C ALA A 51 3.70 13.63 15.79
N LYS A 52 4.34 12.80 14.93
CA LYS A 52 4.30 13.04 13.48
C LYS A 52 4.49 11.75 12.69
N ILE A 53 3.73 11.58 11.60
CA ILE A 53 3.84 10.43 10.68
C ILE A 53 4.68 10.91 9.44
N PHE A 54 5.73 10.14 9.02
CA PHE A 54 6.71 10.49 7.95
C PHE A 54 6.64 9.63 6.69
N ASP A 55 6.18 10.21 5.57
CA ASP A 55 6.08 9.53 4.27
C ASP A 55 6.91 10.23 3.18
N ARG A 56 6.76 9.78 1.92
CA ARG A 56 7.45 10.33 0.78
C ARG A 56 7.00 11.76 0.53
N ILE A 57 5.78 12.09 0.97
CA ILE A 57 5.18 13.41 0.88
C ILE A 57 5.89 14.34 1.88
N SER A 58 6.36 13.80 3.02
CA SER A 58 7.06 14.54 4.07
C SER A 58 8.52 14.89 3.70
N GLY A 59 9.04 14.33 2.61
CA GLY A 59 10.41 14.56 2.17
C GLY A 59 11.27 13.32 2.09
N LEU A 60 10.74 12.16 2.49
CA LEU A 60 11.46 10.89 2.45
C LEU A 60 11.59 10.42 1.00
N SER A 61 12.68 9.70 0.71
CA SER A 61 13.05 9.27 -0.64
C SER A 61 12.49 7.90 -1.07
N ASP A 62 11.95 7.09 -0.13
CA ASP A 62 11.42 5.74 -0.44
C ASP A 62 10.27 5.32 0.50
N THR A 63 9.72 4.10 0.31
CA THR A 63 8.50 3.67 1.01
C THR A 63 8.64 2.74 2.27
N SER A 64 9.24 1.51 2.19
CA SER A 64 9.14 0.64 3.38
C SER A 64 10.37 0.68 4.27
N VAL A 65 10.21 1.20 5.48
CA VAL A 65 11.32 1.32 6.44
C VAL A 65 11.59 -0.07 7.05
N SER A 66 12.86 -0.53 6.96
CA SER A 66 13.37 -1.81 7.42
C SER A 66 14.11 -1.70 8.77
N SER A 67 14.48 -0.49 9.20
CA SER A 67 15.20 -0.22 10.46
C SER A 67 15.58 1.27 10.57
N ILE A 68 15.86 1.72 11.80
CA ILE A 68 16.28 3.10 12.09
C ILE A 68 17.29 3.16 13.24
N ALA A 69 18.05 4.26 13.33
CA ALA A 69 18.97 4.52 14.45
C ALA A 69 19.33 6.01 14.51
N TYR A 70 19.65 6.54 15.71
CA TYR A 70 19.94 7.94 15.94
C TYR A 70 21.40 8.21 16.26
N SER A 71 21.95 9.25 15.68
CA SER A 71 23.29 9.69 15.98
C SER A 71 23.19 10.86 16.98
N GLU A 72 23.38 10.53 18.28
CA GLU A 72 23.36 11.46 19.42
C GLU A 72 24.31 12.64 19.12
N GLN A 73 25.47 12.35 18.52
CA GLN A 73 26.48 13.32 18.16
C GLN A 73 25.98 14.23 17.03
N LEU A 74 25.42 13.66 15.95
CA LEU A 74 24.99 14.48 14.80
C LEU A 74 23.52 14.96 14.84
N LYS A 75 22.77 14.65 15.93
CA LYS A 75 21.34 14.98 16.09
C LYS A 75 20.58 14.59 14.80
N SER A 76 20.98 13.44 14.19
CA SER A 76 20.39 12.93 12.95
C SER A 76 19.98 11.48 13.08
N LEU A 77 18.94 11.10 12.33
CA LEU A 77 18.37 9.75 12.30
C LEU A 77 18.62 9.09 10.93
N VAL A 78 19.25 7.91 10.96
CA VAL A 78 19.51 7.09 9.77
C VAL A 78 18.29 6.19 9.53
N ILE A 79 17.67 6.30 8.33
CA ILE A 79 16.51 5.50 7.91
C ILE A 79 16.96 4.52 6.85
N TYR A 80 16.94 3.22 7.15
CA TYR A 80 17.29 2.19 6.18
C TYR A 80 16.00 1.52 5.69
N TYR A 81 15.87 1.49 4.37
CA TYR A 81 14.70 0.96 3.64
C TYR A 81 14.89 -0.49 3.20
N ALA A 82 13.77 -1.23 3.05
CA ALA A 82 13.73 -2.62 2.56
C ALA A 82 14.38 -2.74 1.18
N SER A 83 14.33 -1.69 0.37
CA SER A 83 14.90 -1.65 -0.96
C SER A 83 16.42 -1.42 -0.96
N GLY A 84 17.04 -1.35 0.22
CA GLY A 84 18.45 -1.05 0.33
C GLY A 84 18.77 0.45 0.38
N ASN A 85 17.76 1.28 0.16
CA ASN A 85 17.92 2.74 0.21
C ASN A 85 18.16 3.25 1.64
N ILE A 86 18.83 4.40 1.75
CA ILE A 86 19.15 5.09 3.01
C ILE A 86 18.76 6.56 2.90
N ASP A 87 18.22 7.10 4.00
CA ASP A 87 17.89 8.49 4.17
C ASP A 87 18.50 8.97 5.47
N ILE A 88 18.93 10.25 5.53
CA ILE A 88 19.46 10.86 6.75
C ILE A 88 18.56 12.01 7.04
N LEU A 89 17.89 11.95 8.19
CA LEU A 89 16.96 12.96 8.69
C LEU A 89 17.72 13.83 9.67
N ASP A 90 18.11 15.05 9.25
CA ASP A 90 18.87 15.95 10.12
C ASP A 90 17.92 16.59 11.17
N GLU A 91 18.50 17.31 12.14
CA GLU A 91 17.78 17.97 13.25
C GLU A 91 16.60 18.86 12.76
N ALA A 92 16.83 19.64 11.69
CA ALA A 92 15.85 20.56 11.09
C ALA A 92 14.72 19.82 10.34
N GLY A 93 14.90 18.51 10.12
CA GLY A 93 13.95 17.66 9.39
C GLY A 93 14.24 17.62 7.90
N ARG A 94 15.51 17.79 7.54
CA ARG A 94 15.95 17.77 6.16
C ARG A 94 16.48 16.38 5.83
N VAL A 95 15.98 15.81 4.74
CA VAL A 95 16.30 14.45 4.28
C VAL A 95 17.47 14.47 3.29
N THR A 96 18.43 13.54 3.44
CA THR A 96 19.55 13.41 2.53
C THR A 96 19.61 11.95 2.08
N ASN A 97 19.53 11.72 0.76
CA ASN A 97 19.49 10.36 0.22
C ASN A 97 20.89 9.73 0.07
N VAL A 98 21.01 8.43 0.37
CA VAL A 98 22.25 7.67 0.19
C VAL A 98 21.84 6.37 -0.59
N PRO A 99 21.68 6.46 -1.95
CA PRO A 99 21.15 5.31 -2.71
C PRO A 99 22.18 4.30 -3.23
N ALA A 100 23.45 4.40 -2.81
CA ALA A 100 24.56 3.53 -3.26
C ALA A 100 24.23 2.03 -3.13
N LEU A 101 23.60 1.58 -2.00
CA LEU A 101 23.29 0.16 -1.79
C LEU A 101 22.17 -0.29 -2.67
N LYS A 102 21.09 0.50 -2.80
CA LYS A 102 19.93 0.18 -3.63
C LYS A 102 20.35 0.12 -5.11
N ASP A 103 21.22 1.08 -5.54
CA ASP A 103 21.69 1.18 -6.92
C ASP A 103 22.68 0.04 -7.28
N ASN A 104 23.32 -0.59 -6.27
CA ASN A 104 24.23 -1.71 -6.52
C ASN A 104 23.40 -2.98 -6.81
N ILE A 105 23.28 -3.26 -8.11
CA ILE A 105 22.54 -4.38 -8.69
C ILE A 105 23.13 -5.73 -8.27
N ASP A 106 24.48 -5.78 -8.10
CA ASP A 106 25.26 -6.96 -7.69
C ASP A 106 24.87 -7.35 -6.26
N LEU A 107 24.63 -6.35 -5.40
CA LEU A 107 24.18 -6.53 -4.01
C LEU A 107 22.72 -6.92 -4.08
N ILE A 108 22.46 -8.22 -4.17
CA ILE A 108 21.12 -8.75 -4.41
C ILE A 108 20.29 -8.91 -3.10
N ASP A 109 20.91 -9.23 -1.95
CA ASP A 109 20.20 -9.36 -0.66
C ASP A 109 20.36 -8.03 0.15
N LYS A 110 19.24 -7.37 0.46
CA LYS A 110 19.23 -6.09 1.16
C LYS A 110 18.93 -6.25 2.64
N THR A 111 18.63 -7.48 3.07
CA THR A 111 18.31 -7.76 4.47
C THR A 111 19.31 -7.09 5.39
N LEU A 112 18.82 -6.39 6.41
CA LEU A 112 19.70 -5.77 7.42
C LEU A 112 19.58 -6.55 8.71
N ASN A 113 20.71 -6.80 9.35
CA ASN A 113 20.80 -7.54 10.60
C ASN A 113 21.18 -6.59 11.73
N ARG A 114 22.04 -5.59 11.46
CA ARG A 114 22.47 -4.63 12.48
C ARG A 114 22.73 -3.24 11.88
N LEU A 115 22.22 -2.21 12.57
CA LEU A 115 22.43 -0.80 12.23
C LEU A 115 23.03 -0.19 13.47
N LEU A 116 24.36 -0.20 13.53
CA LEU A 116 25.14 0.28 14.65
C LEU A 116 25.65 1.70 14.41
N ILE A 117 25.24 2.67 15.22
CA ILE A 117 25.75 4.05 15.09
C ILE A 117 26.79 4.32 16.21
N VAL A 118 28.05 4.51 15.82
CA VAL A 118 29.17 4.83 16.73
C VAL A 118 29.69 6.19 16.32
N GLY A 119 29.44 7.18 17.15
CA GLY A 119 29.85 8.56 16.87
C GLY A 119 29.21 9.16 15.63
N ASN A 120 30.02 9.39 14.59
CA ASN A 120 29.50 9.98 13.36
C ASN A 120 29.61 8.96 12.19
N ARG A 121 29.69 7.67 12.54
CA ARG A 121 29.69 6.60 11.54
C ARG A 121 28.55 5.66 11.85
N ALA A 122 27.96 5.07 10.81
CA ALA A 122 26.96 4.02 10.98
C ALA A 122 27.49 2.78 10.29
N TYR A 123 27.40 1.61 10.94
CA TYR A 123 27.84 0.34 10.38
C TYR A 123 26.64 -0.47 10.10
N LEU A 124 26.43 -0.81 8.83
CA LEU A 124 25.28 -1.57 8.43
C LEU A 124 25.74 -2.96 8.04
N ALA A 125 25.32 -3.96 8.83
CA ALA A 125 25.64 -5.35 8.55
C ALA A 125 24.40 -6.01 8.03
N GLY A 126 24.46 -6.53 6.81
CA GLY A 126 23.33 -7.20 6.17
C GLY A 126 23.72 -8.29 5.18
N GLY A 127 22.81 -8.62 4.27
CA GLY A 127 23.03 -9.64 3.25
C GLY A 127 23.90 -9.19 2.10
N PHE A 128 24.31 -7.89 2.14
CA PHE A 128 25.13 -7.17 1.15
C PHE A 128 26.56 -7.04 1.63
N GLY A 129 26.78 -7.33 2.93
CA GLY A 129 28.07 -7.21 3.59
C GLY A 129 28.04 -6.26 4.78
N LEU A 130 29.14 -5.52 4.99
CA LEU A 130 29.27 -4.55 6.07
C LEU A 130 29.56 -3.19 5.47
N SER A 131 28.60 -2.25 5.52
CA SER A 131 28.73 -0.92 4.93
C SER A 131 29.00 0.17 5.98
N VAL A 132 30.01 1.03 5.71
CA VAL A 132 30.34 2.14 6.59
C VAL A 132 29.68 3.37 5.99
N LEU A 133 28.76 3.94 6.77
CA LEU A 133 28.06 5.11 6.35
C LEU A 133 28.59 6.32 7.08
N ASP A 134 28.89 7.38 6.29
CA ASP A 134 29.32 8.66 6.80
C ASP A 134 28.04 9.50 6.87
N VAL A 135 27.45 9.52 8.07
CA VAL A 135 26.21 10.19 8.37
C VAL A 135 26.30 11.70 8.08
N ALA A 136 27.34 12.42 8.56
CA ALA A 136 27.47 13.87 8.29
C ALA A 136 27.50 14.23 6.81
N GLU A 137 28.17 13.40 5.99
CA GLU A 137 28.39 13.65 4.57
C GLU A 137 27.60 12.70 3.62
N ALA A 138 26.62 11.96 4.13
CA ALA A 138 25.76 11.08 3.36
C ALA A 138 26.50 10.30 2.25
N ARG A 139 27.55 9.56 2.62
CA ARG A 139 28.28 8.79 1.62
C ARG A 139 28.82 7.50 2.21
N ILE A 140 28.98 6.46 1.37
CA ILE A 140 29.49 5.17 1.85
C ILE A 140 30.95 4.99 1.36
N PRO A 141 31.95 5.29 2.21
CA PRO A 141 33.35 5.18 1.76
C PRO A 141 33.87 3.75 1.61
N ALA A 142 33.14 2.73 2.10
CA ALA A 142 33.61 1.33 2.10
C ALA A 142 32.50 0.36 2.37
N THR A 143 32.62 -0.84 1.81
CA THR A 143 31.77 -1.98 2.08
C THR A 143 32.71 -3.15 2.20
N TYR A 144 32.81 -3.71 3.40
CA TYR A 144 33.63 -4.87 3.71
C TYR A 144 32.76 -6.10 3.51
N ALA A 145 33.38 -7.27 3.19
CA ALA A 145 32.71 -8.56 2.89
C ALA A 145 31.61 -8.42 1.82
N LYS A 146 31.76 -7.45 0.86
CA LYS A 146 30.81 -7.12 -0.21
C LYS A 146 30.17 -8.38 -0.77
N GLY A 147 28.84 -8.44 -0.72
CA GLY A 147 28.04 -9.56 -1.21
C GLY A 147 28.02 -10.81 -0.36
N THR A 148 28.32 -10.71 0.92
CA THR A 148 28.31 -11.83 1.84
C THR A 148 27.50 -11.45 3.05
N LYS A 149 26.58 -12.34 3.49
CA LYS A 149 25.77 -12.06 4.66
C LYS A 149 26.71 -11.90 5.85
N VAL A 150 26.65 -10.72 6.52
CA VAL A 150 27.36 -10.36 7.75
C VAL A 150 26.29 -10.33 8.85
N THR A 151 26.32 -11.32 9.73
CA THR A 151 25.39 -11.56 10.83
C THR A 151 25.33 -10.38 11.85
N ASP A 152 26.46 -9.77 12.24
CA ASP A 152 26.45 -8.70 13.25
C ASP A 152 27.75 -7.88 13.23
N VAL A 153 27.74 -6.71 13.89
CA VAL A 153 28.91 -5.85 13.95
C VAL A 153 29.01 -5.20 15.36
N ALA A 154 30.26 -4.94 15.80
CA ALA A 154 30.56 -4.32 17.06
C ALA A 154 31.87 -3.50 16.95
N LYS A 155 31.87 -2.32 17.55
CA LYS A 155 33.03 -1.46 17.53
C LYS A 155 33.69 -1.52 18.89
N LEU A 156 35.01 -1.61 18.88
CA LEU A 156 35.82 -1.69 20.08
C LEU A 156 36.81 -0.51 20.22
N ASP A 157 37.66 -0.60 21.24
CA ASP A 157 38.75 0.29 21.55
C ASP A 157 39.79 0.30 20.43
N ASN A 158 40.55 1.40 20.32
CA ASN A 158 41.67 1.56 19.39
C ASN A 158 41.29 1.20 17.93
N ASP A 159 40.26 1.90 17.42
CA ASP A 159 39.73 1.78 16.06
C ASP A 159 39.51 0.32 15.58
N ARG A 160 39.24 -0.63 16.51
CA ARG A 160 39.04 -2.04 16.15
C ARG A 160 37.56 -2.33 15.86
N LEU A 161 37.32 -3.13 14.85
CA LEU A 161 36.00 -3.46 14.38
C LEU A 161 35.82 -4.97 14.43
N LEU A 162 34.67 -5.40 14.93
CA LEU A 162 34.35 -6.81 15.11
C LEU A 162 33.22 -7.22 14.16
N MET A 163 33.44 -8.29 13.41
CA MET A 163 32.50 -8.72 12.39
C MET A 163 32.20 -10.22 12.52
N LEU A 164 30.92 -10.58 12.48
CA LEU A 164 30.52 -11.97 12.54
C LEU A 164 29.93 -12.35 11.17
N LYS A 165 30.66 -13.16 10.39
CA LYS A 165 30.16 -13.62 9.11
C LYS A 165 30.47 -15.11 8.97
N GLU A 166 29.49 -15.84 8.41
CA GLU A 166 29.53 -17.28 8.20
C GLU A 166 30.07 -18.03 9.45
N GLY A 167 29.56 -17.71 10.64
CA GLY A 167 29.96 -18.40 11.87
C GLY A 167 31.38 -18.17 12.35
N GLN A 168 32.03 -17.11 11.86
CA GLN A 168 33.37 -16.76 12.25
C GLN A 168 33.43 -15.34 12.83
N LEU A 169 34.22 -15.15 13.86
CA LEU A 169 34.36 -13.80 14.38
C LEU A 169 35.69 -13.20 13.85
N PHE A 170 35.63 -12.03 13.18
CA PHE A 170 36.83 -11.34 12.66
C PHE A 170 37.04 -10.03 13.38
N ILE A 171 38.33 -9.67 13.62
CA ILE A 171 38.74 -8.37 14.20
C ILE A 171 39.61 -7.65 13.15
N GLY A 172 39.39 -6.36 13.01
CA GLY A 172 40.17 -5.57 12.06
C GLY A 172 40.29 -4.14 12.49
N LYS A 173 41.42 -3.48 12.17
CA LYS A 173 41.61 -2.07 12.53
C LYS A 173 41.15 -1.21 11.40
N GLU A 174 40.29 -0.25 11.73
CA GLU A 174 39.69 0.66 10.75
C GLU A 174 40.75 1.43 9.97
N THR A 175 41.93 1.64 10.56
CA THR A 175 43.03 2.33 9.90
C THR A 175 43.68 1.43 8.79
N ASP A 176 43.35 0.11 8.73
CA ASP A 176 43.89 -0.71 7.66
C ASP A 176 42.83 -0.83 6.55
N ASN A 177 43.18 -1.42 5.41
CA ASN A 177 42.24 -1.51 4.29
C ASN A 177 41.37 -2.72 4.53
N LEU A 178 40.27 -2.53 5.28
CA LEU A 178 39.41 -3.64 5.65
C LEU A 178 38.57 -4.17 4.47
N GLN A 179 38.76 -3.59 3.29
CA GLN A 179 38.13 -4.05 2.06
C GLN A 179 38.97 -5.20 1.49
N ASP A 180 40.07 -5.55 2.20
CA ASP A 180 40.98 -6.64 1.90
C ASP A 180 40.80 -7.73 2.97
N PRO A 181 40.38 -8.95 2.59
CA PRO A 181 40.25 -10.02 3.59
C PRO A 181 41.50 -10.27 4.43
N ALA A 182 42.71 -10.11 3.86
CA ALA A 182 43.94 -10.33 4.62
C ALA A 182 44.10 -9.36 5.82
N ALA A 183 43.40 -8.18 5.81
CA ALA A 183 43.49 -7.16 6.86
C ALA A 183 42.74 -7.55 8.13
N TRP A 184 41.80 -8.50 8.04
CA TRP A 184 41.04 -9.01 9.19
C TRP A 184 41.74 -10.23 9.78
N THR A 185 41.57 -10.43 11.09
CA THR A 185 42.11 -11.57 11.85
C THR A 185 40.96 -12.40 12.40
N ALA A 186 40.89 -13.68 12.00
CA ALA A 186 39.87 -14.61 12.50
C ALA A 186 40.17 -14.97 13.96
N LEU A 187 39.16 -14.85 14.84
CA LEU A 187 39.27 -15.09 16.29
C LEU A 187 38.70 -16.44 16.75
N SER A 188 39.57 -17.28 17.36
CA SER A 188 39.17 -18.58 17.93
C SER A 188 38.77 -18.40 19.38
N LEU A 189 37.47 -18.43 19.66
CA LEU A 189 36.92 -18.22 21.01
C LEU A 189 36.28 -19.48 21.56
N ASN A 190 36.42 -19.69 22.86
CA ASN A 190 35.84 -20.86 23.51
C ASN A 190 34.32 -20.66 23.68
N LEU A 191 33.56 -20.87 22.57
CA LEU A 191 32.11 -20.87 22.47
C LEU A 191 31.70 -21.31 21.06
N PRO A 192 30.51 -21.91 20.83
CA PRO A 192 30.14 -22.30 19.46
C PRO A 192 29.77 -21.05 18.62
N MET A 193 30.78 -20.45 17.96
CA MET A 193 30.65 -19.22 17.16
C MET A 193 29.64 -19.37 16.02
N GLY A 194 29.44 -20.60 15.54
CA GLY A 194 28.46 -20.90 14.47
C GLY A 194 27.01 -20.79 14.93
N SER A 195 26.79 -20.78 16.26
CA SER A 195 25.47 -20.67 16.88
C SER A 195 25.16 -19.24 17.32
N VAL A 196 26.14 -18.30 17.21
CA VAL A 196 25.97 -16.91 17.66
C VAL A 196 25.04 -16.20 16.68
N THR A 197 23.90 -15.69 17.18
CA THR A 197 22.88 -14.96 16.43
C THR A 197 23.04 -13.46 16.57
N GLY A 198 23.72 -13.05 17.64
CA GLY A 198 23.96 -11.64 17.89
C GLY A 198 25.08 -11.36 18.85
N LEU A 199 25.65 -10.15 18.77
CA LEU A 199 26.68 -9.71 19.70
C LEU A 199 26.58 -8.18 19.92
N GLY A 200 27.02 -7.73 21.09
CA GLY A 200 27.02 -6.34 21.44
C GLY A 200 27.94 -6.10 22.60
N ILE A 201 28.46 -4.87 22.72
CA ILE A 201 29.36 -4.38 23.76
C ILE A 201 28.57 -3.70 24.85
N VAL A 202 28.96 -3.92 26.09
CA VAL A 202 28.33 -3.33 27.26
C VAL A 202 29.47 -3.10 28.23
N GLY A 203 29.83 -1.84 28.40
CA GLY A 203 30.96 -1.41 29.23
C GLY A 203 32.25 -1.99 28.71
N GLU A 204 33.01 -2.64 29.63
CA GLU A 204 34.27 -3.31 29.29
C GLU A 204 34.06 -4.80 28.85
N ASP A 205 32.82 -5.18 28.46
CA ASP A 205 32.54 -6.55 28.03
C ASP A 205 31.84 -6.58 26.68
N ILE A 206 31.89 -7.75 26.04
CA ILE A 206 31.26 -8.09 24.78
C ILE A 206 30.35 -9.29 25.07
N CYS A 207 29.05 -9.21 24.74
CA CYS A 207 28.13 -10.34 24.97
C CYS A 207 27.76 -11.02 23.67
N PHE A 208 27.71 -12.37 23.72
CA PHE A 208 27.39 -13.25 22.61
C PHE A 208 26.17 -14.09 22.89
N LEU A 209 25.13 -13.85 22.12
CA LEU A 209 23.87 -14.57 22.19
C LEU A 209 23.88 -15.70 21.21
N LEU A 210 23.54 -16.90 21.71
CA LEU A 210 23.48 -18.14 20.96
C LEU A 210 22.05 -18.44 20.62
N ALA A 211 21.84 -19.15 19.50
CA ALA A 211 20.54 -19.59 19.01
C ALA A 211 19.78 -20.37 20.08
N ASP A 212 20.48 -21.20 20.90
CA ASP A 212 19.86 -22.02 21.96
C ASP A 212 19.48 -21.21 23.24
N GLY A 213 19.64 -19.89 23.22
CA GLY A 213 19.28 -19.06 24.35
C GLY A 213 20.40 -18.65 25.27
N ARG A 214 21.49 -19.43 25.35
CA ARG A 214 22.64 -19.10 26.23
C ARG A 214 23.22 -17.72 25.90
N VAL A 215 23.84 -17.05 26.88
CA VAL A 215 24.47 -15.75 26.64
C VAL A 215 25.86 -15.80 27.23
N TYR A 216 26.84 -15.49 26.42
CA TYR A 216 28.22 -15.51 26.86
C TYR A 216 28.74 -14.12 27.04
N VAL A 217 29.55 -13.93 28.07
CA VAL A 217 30.12 -12.61 28.35
C VAL A 217 31.65 -12.74 28.33
N ALA A 218 32.32 -11.71 27.81
CA ALA A 218 33.76 -11.74 27.77
C ALA A 218 34.36 -10.33 27.98
N ALA A 219 35.37 -10.20 28.84
CA ALA A 219 36.06 -8.92 29.04
C ALA A 219 36.70 -8.54 27.71
N ASN A 220 36.45 -7.32 27.21
CA ASN A 220 36.93 -6.84 25.91
C ASN A 220 38.48 -6.87 25.81
N GLN A 221 39.18 -6.90 26.94
CA GLN A 221 40.62 -6.95 26.98
C GLN A 221 41.17 -8.41 26.93
N SER A 222 40.29 -9.44 26.92
CA SER A 222 40.73 -10.84 26.91
C SER A 222 39.91 -11.72 25.94
N PHE A 223 38.61 -11.46 25.78
CA PHE A 223 37.71 -12.23 24.94
C PHE A 223 37.62 -13.74 25.38
N GLU A 224 37.84 -14.05 26.69
CA GLU A 224 37.69 -15.39 27.27
C GLU A 224 36.23 -15.54 27.67
N PRO A 225 35.37 -16.26 26.91
CA PRO A 225 33.95 -16.28 27.28
C PRO A 225 33.58 -17.20 28.42
N GLU A 226 32.72 -16.66 29.31
CA GLU A 226 32.05 -17.38 30.39
C GLU A 226 30.55 -17.12 30.27
N LEU A 227 29.74 -18.08 30.70
CA LEU A 227 28.29 -17.99 30.58
C LEU A 227 27.73 -16.95 31.55
N LEU A 228 26.96 -15.95 31.04
CA LEU A 228 26.35 -14.89 31.87
C LEU A 228 24.97 -15.35 32.35
N LEU A 229 24.06 -15.61 31.41
CA LEU A 229 22.76 -16.15 31.74
C LEU A 229 22.33 -17.15 30.67
N SER A 230 21.30 -17.93 30.98
CA SER A 230 20.75 -18.91 30.08
C SER A 230 19.32 -18.52 29.75
N SER A 231 19.15 -17.72 28.71
CA SER A 231 17.82 -17.31 28.25
C SER A 231 17.15 -18.47 27.47
N SER A 232 15.89 -18.26 27.01
CA SER A 232 15.18 -19.25 26.23
C SER A 232 15.70 -19.23 24.79
N ALA A 233 15.53 -20.35 24.04
CA ALA A 233 15.97 -20.49 22.65
C ALA A 233 15.37 -19.42 21.77
N ASP A 234 16.09 -19.10 20.70
CA ASP A 234 15.70 -18.11 19.70
C ASP A 234 15.28 -16.77 20.34
N SER A 235 16.12 -16.31 21.29
CA SER A 235 15.97 -15.03 21.97
C SER A 235 16.48 -13.95 21.04
N ARG A 236 16.00 -12.70 21.19
CA ARG A 236 16.45 -11.59 20.34
C ARG A 236 17.39 -10.67 21.13
N LEU A 237 18.43 -10.11 20.48
CA LEU A 237 19.36 -9.15 21.10
C LEU A 237 19.20 -7.77 20.51
N TYR A 238 18.85 -6.79 21.35
CA TYR A 238 18.73 -5.38 20.96
C TYR A 238 19.87 -4.68 21.62
N VAL A 239 20.67 -4.05 20.79
CA VAL A 239 21.86 -3.32 21.20
C VAL A 239 21.43 -1.88 21.43
N THR A 240 22.01 -1.27 22.47
CA THR A 240 21.72 0.08 22.92
C THR A 240 23.00 0.60 23.60
N ASP A 241 23.18 1.93 23.59
CA ASP A 241 24.26 2.66 24.23
C ASP A 241 24.13 2.61 25.77
N ARG A 242 22.92 2.31 26.27
CA ARG A 242 22.56 2.20 27.68
C ARG A 242 22.77 0.75 28.23
N GLY A 243 22.63 -0.23 27.35
CA GLY A 243 22.80 -1.63 27.68
C GLY A 243 22.30 -2.54 26.58
N LEU A 244 22.30 -3.86 26.85
CA LEU A 244 21.81 -4.88 25.92
C LEU A 244 20.50 -5.49 26.43
N PHE A 245 19.56 -5.74 25.51
CA PHE A 245 18.29 -6.34 25.90
C PHE A 245 18.14 -7.71 25.27
N ILE A 246 18.08 -8.74 26.12
CA ILE A 246 17.89 -10.12 25.70
C ILE A 246 16.42 -10.42 25.88
N CYS A 247 15.67 -10.42 24.77
CA CYS A 247 14.25 -10.62 24.83
C CYS A 247 13.90 -11.99 24.43
N ALA A 248 13.47 -12.73 25.45
CA ALA A 248 13.03 -14.11 25.43
C ALA A 248 11.51 -14.13 25.40
N GLU A 249 10.91 -15.32 25.26
CA GLU A 249 9.45 -15.41 25.30
C GLU A 249 9.02 -15.30 26.74
N ASN A 250 8.24 -14.24 27.06
CA ASN A 250 7.59 -13.85 28.34
C ASN A 250 8.48 -12.91 29.21
N ARG A 251 9.81 -12.84 29.01
CA ARG A 251 10.62 -11.93 29.83
C ARG A 251 11.81 -11.33 29.06
N ILE A 252 12.34 -10.19 29.57
CA ILE A 252 13.52 -9.46 29.05
C ILE A 252 14.64 -9.57 30.07
N TYR A 253 15.90 -9.49 29.59
CA TYR A 253 17.12 -9.44 30.37
C TYR A 253 17.85 -8.18 29.99
N PHE A 254 17.96 -7.27 30.94
CA PHE A 254 18.66 -6.02 30.75
C PHE A 254 20.05 -6.13 31.36
N ILE A 255 21.09 -6.11 30.50
CA ILE A 255 22.48 -6.20 30.92
C ILE A 255 23.12 -4.82 30.83
N GLU A 256 23.73 -4.36 31.93
CA GLU A 256 24.40 -3.07 31.92
C GLU A 256 25.83 -3.21 32.50
N LYS A 257 26.63 -2.11 32.46
CA LYS A 257 28.02 -2.05 32.93
C LYS A 257 28.29 -2.87 34.18
N GLY A 258 29.37 -3.63 34.14
CA GLY A 258 29.78 -4.43 35.27
C GLY A 258 28.99 -5.69 35.41
N ARG A 259 28.31 -6.09 34.32
CA ARG A 259 27.53 -7.33 34.17
C ARG A 259 26.33 -7.39 35.11
N LYS A 260 25.73 -6.24 35.42
CA LYS A 260 24.50 -6.17 36.22
C LYS A 260 23.37 -6.58 35.31
N THR A 261 22.58 -7.54 35.76
CA THR A 261 21.46 -8.06 34.98
C THR A 261 20.18 -7.83 35.75
N THR A 262 19.15 -7.33 35.04
CA THR A 262 17.80 -7.10 35.59
C THR A 262 16.79 -7.79 34.68
N GLN A 263 15.87 -8.56 35.26
CA GLN A 263 14.84 -9.27 34.52
C GLN A 263 13.51 -8.52 34.60
N PHE A 264 12.75 -8.50 33.49
CA PHE A 264 11.46 -7.85 33.39
C PHE A 264 10.45 -8.77 32.71
N PRO A 265 9.25 -8.99 33.29
CA PRO A 265 8.27 -9.84 32.61
C PRO A 265 7.56 -9.10 31.44
N ILE A 266 8.28 -8.90 30.33
CA ILE A 266 7.74 -8.26 29.12
C ILE A 266 7.85 -9.26 27.97
N ALA A 267 6.69 -9.72 27.48
CA ALA A 267 6.57 -10.66 26.38
C ALA A 267 6.57 -9.95 25.02
N ASP A 268 6.88 -10.72 23.95
CA ASP A 268 6.86 -10.34 22.54
C ASP A 268 7.39 -8.92 22.34
N VAL A 269 8.72 -8.76 22.45
CA VAL A 269 9.43 -7.49 22.31
C VAL A 269 10.22 -7.55 21.01
N LEU A 270 9.94 -6.62 20.08
CA LEU A 270 10.50 -6.55 18.74
C LEU A 270 11.61 -5.50 18.57
N GLY A 271 11.70 -4.58 19.52
CA GLY A 271 12.69 -3.51 19.47
C GLY A 271 12.78 -2.73 20.76
N VAL A 272 13.93 -2.09 21.00
CA VAL A 272 14.19 -1.28 22.19
C VAL A 272 15.02 -0.06 21.77
N GLY A 273 14.71 1.10 22.36
CA GLY A 273 15.40 2.37 22.18
C GLY A 273 15.76 3.02 23.50
N ALA A 274 17.04 3.39 23.68
CA ALA A 274 17.57 3.99 24.91
C ALA A 274 18.92 4.70 24.63
N MET A 275 19.07 5.95 25.09
CA MET A 275 20.25 6.80 24.89
C MET A 275 21.25 6.55 26.00
N ASN A 276 22.55 6.78 25.70
CA ASN A 276 23.67 6.53 26.60
C ASN A 276 23.36 6.87 28.06
N GLU A 277 22.85 8.09 28.31
CA GLU A 277 22.58 8.53 29.67
C GLU A 277 21.06 8.53 30.01
N SER A 278 20.29 7.55 29.48
CA SER A 278 18.86 7.50 29.77
C SER A 278 18.50 6.49 30.85
N ASN A 279 17.48 6.75 31.65
CA ASN A 279 17.07 5.83 32.71
C ASN A 279 15.70 5.20 32.41
N THR A 280 15.22 5.39 31.17
CA THR A 280 13.97 4.85 30.66
C THR A 280 14.15 4.38 29.21
N ALA A 281 13.67 3.17 28.91
CA ALA A 281 13.77 2.56 27.58
C ALA A 281 12.41 2.48 26.89
N TYR A 282 12.40 2.70 25.59
CA TYR A 282 11.17 2.66 24.81
C TYR A 282 11.12 1.32 24.06
N ILE A 283 10.08 0.55 24.35
CA ILE A 283 9.81 -0.82 23.92
C ILE A 283 8.81 -0.85 22.75
N ALA A 284 9.03 -1.76 21.78
CA ALA A 284 8.14 -2.04 20.64
C ALA A 284 7.52 -3.43 20.90
N LEU A 285 6.22 -3.44 21.17
CA LEU A 285 5.52 -4.67 21.53
C LEU A 285 4.72 -5.21 20.35
N GLY A 286 4.94 -4.61 19.19
CA GLY A 286 4.32 -5.01 17.94
C GLY A 286 2.84 -4.74 17.90
N GLU A 287 2.04 -5.84 17.90
CA GLU A 287 0.59 -5.81 17.77
C GLU A 287 -0.07 -4.94 18.87
N GLU A 288 0.68 -4.64 19.94
CA GLU A 288 0.24 -3.75 21.01
C GLU A 288 0.65 -2.33 20.63
N GLY A 289 1.95 -2.13 20.38
CA GLY A 289 2.53 -0.85 20.02
C GLY A 289 3.71 -0.47 20.90
N LEU A 290 3.81 0.81 21.24
CA LEU A 290 4.91 1.31 22.06
C LEU A 290 4.57 1.25 23.54
N ALA A 291 5.62 1.36 24.38
CA ALA A 291 5.58 1.40 25.84
C ALA A 291 6.93 1.85 26.35
N SER A 292 6.96 2.55 27.50
CA SER A 292 8.18 3.02 28.13
C SER A 292 8.47 2.19 29.39
N LEU A 293 9.75 1.94 29.72
CA LEU A 293 10.13 1.17 30.89
C LEU A 293 11.26 1.81 31.65
N LEU A 294 11.05 2.08 32.96
CA LEU A 294 12.08 2.61 33.85
C LEU A 294 13.05 1.46 34.12
N LEU A 295 14.34 1.66 33.84
CA LEU A 295 15.32 0.58 33.96
C LEU A 295 15.74 0.34 35.42
N ALA A 296 14.78 -0.12 36.26
CA ALA A 296 14.89 -0.43 37.69
C ALA A 296 14.15 -1.74 38.01
N GLU A 297 14.77 -2.63 38.82
CA GLU A 297 14.30 -3.97 39.20
C GLU A 297 12.78 -4.14 39.33
N GLY A 298 12.12 -3.21 40.00
CA GLY A 298 10.69 -3.30 40.21
C GLY A 298 9.85 -2.39 39.35
N SER A 299 10.17 -2.35 38.05
CA SER A 299 9.41 -1.48 37.15
C SER A 299 8.60 -2.29 36.14
N THR A 300 7.48 -1.69 35.74
CA THR A 300 6.51 -2.20 34.77
C THR A 300 6.57 -1.32 33.53
N ALA A 301 6.37 -1.91 32.34
CA ALA A 301 6.38 -1.13 31.10
C ALA A 301 5.07 -0.35 30.98
N GLU A 302 5.14 0.98 31.24
CA GLU A 302 4.01 1.89 31.15
C GLU A 302 3.79 2.17 29.67
N ALA A 303 2.59 1.82 29.15
CA ALA A 303 2.19 1.96 27.75
C ALA A 303 2.35 3.39 27.18
N MET A 304 2.71 3.46 25.89
CA MET A 304 2.87 4.69 25.11
C MET A 304 1.62 4.88 24.25
N PRO A 305 1.08 6.11 24.12
CA PRO A 305 -0.18 6.26 23.37
C PRO A 305 0.01 6.51 21.86
N VAL A 306 -0.92 5.97 21.07
CA VAL A 306 -0.92 6.13 19.61
C VAL A 306 -2.27 6.75 19.26
N ALA A 307 -2.29 8.07 19.12
CA ALA A 307 -3.49 8.85 18.79
C ALA A 307 -3.81 8.73 17.30
N PHE A 308 -2.82 8.29 16.48
CA PHE A 308 -2.96 8.10 15.04
C PHE A 308 -3.99 7.06 14.70
N ASP A 309 -4.95 7.46 13.86
CA ASP A 309 -5.98 6.55 13.35
C ASP A 309 -5.85 6.42 11.84
N GLY A 310 -5.70 5.18 11.38
CA GLY A 310 -5.53 4.80 9.98
C GLY A 310 -6.19 3.48 9.66
N PRO A 311 -5.95 2.89 8.46
CA PRO A 311 -6.55 1.57 8.16
C PRO A 311 -5.99 0.46 9.07
N GLY A 312 -6.72 -0.66 9.20
CA GLY A 312 -6.31 -1.81 9.99
C GLY A 312 -5.02 -2.43 9.51
N ASP A 313 -4.84 -2.45 8.17
CA ASP A 313 -3.67 -2.92 7.41
C ASP A 313 -3.60 -2.13 6.09
N ASN A 314 -2.55 -2.34 5.28
CA ASN A 314 -2.40 -1.62 4.01
C ASN A 314 -2.80 -2.49 2.82
N ASP A 315 -3.82 -3.38 3.03
CA ASP A 315 -4.28 -4.33 2.00
C ASP A 315 -5.64 -3.93 1.40
N PHE A 316 -5.63 -3.58 0.12
CA PHE A 316 -6.83 -3.13 -0.59
C PHE A 316 -7.03 -4.00 -1.83
N TYR A 317 -7.39 -5.28 -1.57
CA TYR A 317 -7.69 -6.30 -2.56
C TYR A 317 -8.90 -5.84 -3.34
N GLU A 318 -9.95 -5.44 -2.62
CA GLU A 318 -11.18 -4.95 -3.20
C GLU A 318 -11.64 -3.74 -2.39
N MET A 319 -12.13 -2.70 -3.10
CA MET A 319 -12.64 -1.45 -2.56
C MET A 319 -13.91 -1.04 -3.29
N ARG A 320 -14.82 -0.34 -2.59
CA ARG A 320 -16.05 0.20 -3.14
C ARG A 320 -16.27 1.58 -2.51
N PHE A 321 -16.89 2.54 -3.23
CA PHE A 321 -17.20 3.83 -2.61
C PHE A 321 -18.71 4.06 -2.66
N SER A 322 -19.37 4.07 -1.48
CA SER A 322 -20.82 4.27 -1.37
C SER A 322 -21.17 5.13 -0.15
N HIS A 323 -22.29 5.86 -0.22
CA HIS A 323 -22.85 6.70 0.85
C HIS A 323 -21.78 7.55 1.58
N GLY A 324 -20.88 8.17 0.80
CA GLY A 324 -19.76 9.01 1.26
C GLY A 324 -18.74 8.28 2.13
N ARG A 325 -18.63 6.94 1.95
CA ARG A 325 -17.75 6.05 2.69
C ARG A 325 -17.01 5.12 1.76
N LEU A 326 -15.80 4.73 2.17
CA LEU A 326 -14.98 3.76 1.45
C LEU A 326 -15.14 2.43 2.16
N TYR A 327 -15.33 1.35 1.41
CA TYR A 327 -15.46 -0.01 1.92
C TYR A 327 -14.31 -0.80 1.32
N ALA A 328 -13.48 -1.40 2.15
CA ALA A 328 -12.33 -2.16 1.67
C ALA A 328 -12.19 -3.52 2.36
N ALA A 329 -11.77 -4.51 1.57
CA ALA A 329 -11.51 -5.90 1.96
C ALA A 329 -10.05 -6.19 1.74
N SER A 330 -9.38 -6.70 2.76
CA SER A 330 -7.95 -6.95 2.64
C SER A 330 -7.62 -8.35 2.13
N GLY A 331 -8.29 -9.37 2.70
CA GLY A 331 -8.12 -10.81 2.45
C GLY A 331 -7.71 -11.23 1.05
N LEU A 332 -6.86 -12.25 0.96
CA LEU A 332 -6.28 -12.75 -0.29
C LEU A 332 -7.11 -13.84 -1.02
N TRP A 333 -6.88 -13.95 -2.35
CA TRP A 333 -7.49 -14.94 -3.26
C TRP A 333 -6.40 -15.79 -3.92
N GLY A 334 -6.77 -17.02 -4.25
CA GLY A 334 -5.98 -18.03 -4.93
C GLY A 334 -6.80 -19.28 -5.06
N THR A 335 -6.15 -20.40 -5.46
CA THR A 335 -6.83 -21.69 -5.56
C THR A 335 -6.98 -22.22 -4.13
N ASN A 336 -5.92 -22.00 -3.32
CA ASN A 336 -5.79 -22.38 -1.91
C ASN A 336 -4.87 -21.35 -1.16
N LEU A 337 -4.84 -20.05 -1.61
CA LEU A 337 -4.07 -18.95 -0.99
C LEU A 337 -4.93 -18.32 0.12
N MET A 338 -5.12 -19.11 1.19
CA MET A 338 -5.95 -18.81 2.35
C MET A 338 -5.09 -18.41 3.55
N GLY A 339 -5.72 -18.32 4.72
CA GLY A 339 -5.07 -18.00 5.98
C GLY A 339 -4.80 -16.54 6.27
N HIS A 340 -5.18 -15.63 5.34
CA HIS A 340 -4.98 -14.19 5.55
C HIS A 340 -6.08 -13.70 6.47
N ALA A 341 -5.71 -13.19 7.65
CA ALA A 341 -6.64 -12.69 8.66
C ALA A 341 -7.68 -11.73 8.05
N GLY A 342 -8.96 -12.00 8.32
CA GLY A 342 -10.08 -11.22 7.84
C GLY A 342 -10.01 -9.80 8.35
N MET A 343 -10.31 -8.83 7.46
CA MET A 343 -10.24 -7.41 7.77
C MET A 343 -11.15 -6.60 6.83
N VAL A 344 -12.05 -5.82 7.43
CA VAL A 344 -12.96 -4.95 6.70
C VAL A 344 -12.63 -3.52 7.18
N LYS A 345 -12.38 -2.62 6.25
CA LYS A 345 -12.03 -1.26 6.59
C LYS A 345 -13.01 -0.29 5.98
N LEU A 346 -13.53 0.63 6.80
CA LEU A 346 -14.47 1.68 6.38
C LEU A 346 -13.87 3.03 6.72
N TYR A 347 -13.83 3.96 5.74
CA TYR A 347 -13.27 5.30 5.92
C TYR A 347 -14.34 6.37 5.69
N ASP A 348 -14.58 7.15 6.73
CA ASP A 348 -15.56 8.22 6.87
C ASP A 348 -15.26 9.45 6.01
N GLY A 349 -13.98 9.63 5.70
CA GLY A 349 -13.47 10.80 5.01
C GLY A 349 -12.53 11.50 5.97
N ASN A 350 -12.57 11.08 7.26
CA ASN A 350 -11.73 11.59 8.35
C ASN A 350 -11.21 10.43 9.24
N ARG A 351 -12.12 9.56 9.77
CA ARG A 351 -11.71 8.43 10.63
C ARG A 351 -12.02 7.05 10.01
N TRP A 352 -11.32 6.01 10.49
CA TRP A 352 -11.45 4.60 10.06
C TRP A 352 -12.20 3.76 11.09
N THR A 353 -12.88 2.70 10.60
CA THR A 353 -13.59 1.68 11.38
C THR A 353 -13.07 0.35 10.85
N ASN A 354 -12.38 -0.47 11.70
CA ASN A 354 -11.80 -1.75 11.26
C ASN A 354 -12.42 -2.98 11.96
N PHE A 355 -12.95 -3.90 11.15
CA PHE A 355 -13.51 -5.19 11.61
C PHE A 355 -12.47 -6.25 11.30
N ASP A 356 -11.66 -6.62 12.30
CA ASP A 356 -10.61 -7.63 12.13
C ASP A 356 -11.10 -9.01 12.54
N LYS A 357 -10.22 -10.02 12.34
CA LYS A 357 -10.43 -11.46 12.62
C LYS A 357 -11.01 -11.68 14.02
N LYS A 358 -10.38 -11.12 15.07
CA LYS A 358 -10.78 -11.30 16.47
C LYS A 358 -12.12 -10.63 16.81
N THR A 359 -12.32 -9.35 16.44
CA THR A 359 -13.55 -8.58 16.66
C THR A 359 -14.80 -9.34 16.15
N VAL A 360 -14.80 -9.74 14.86
CA VAL A 360 -15.91 -10.42 14.16
C VAL A 360 -16.20 -11.77 14.82
N GLN A 361 -15.16 -12.55 15.13
CA GLN A 361 -15.29 -13.85 15.77
C GLN A 361 -15.93 -13.75 17.16
N GLU A 362 -15.65 -12.65 17.91
CA GLU A 362 -16.20 -12.37 19.26
C GLU A 362 -17.66 -11.94 19.18
N GLN A 363 -17.98 -11.07 18.20
CA GLN A 363 -19.31 -10.51 17.96
C GLN A 363 -20.30 -11.57 17.51
N LEU A 364 -19.84 -12.56 16.73
CA LEU A 364 -20.71 -13.63 16.26
C LEU A 364 -20.61 -14.88 17.12
N GLY A 365 -19.41 -15.13 17.66
CA GLY A 365 -19.11 -16.26 18.52
C GLY A 365 -19.13 -17.60 17.81
N GLY A 366 -18.35 -18.53 18.35
CA GLY A 366 -18.31 -19.88 17.82
C GLY A 366 -17.11 -20.22 16.97
N GLY A 367 -17.21 -21.40 16.35
CA GLY A 367 -16.19 -22.00 15.52
C GLY A 367 -16.34 -21.74 14.04
N PHE A 368 -15.56 -20.76 13.55
CA PHE A 368 -15.33 -20.27 12.18
C PHE A 368 -14.07 -19.41 12.28
N SER A 369 -13.39 -19.12 11.17
CA SER A 369 -12.11 -18.43 11.32
C SER A 369 -12.07 -16.95 10.88
N PHE A 370 -13.07 -16.43 10.15
CA PHE A 370 -13.09 -15.05 9.62
C PHE A 370 -11.75 -14.69 8.97
N ASN A 371 -11.46 -15.38 7.86
CA ASN A 371 -10.26 -15.19 7.06
C ASN A 371 -10.64 -14.92 5.62
N ASP A 372 -9.71 -14.29 4.89
CA ASP A 372 -9.75 -13.97 3.47
C ASP A 372 -11.07 -13.34 3.07
N ALA A 373 -11.38 -12.17 3.66
CA ALA A 373 -12.52 -11.36 3.28
C ALA A 373 -12.17 -10.74 1.92
N ILE A 374 -12.88 -11.13 0.85
CA ILE A 374 -12.47 -10.70 -0.50
C ILE A 374 -13.49 -9.84 -1.29
N ASP A 375 -14.75 -9.66 -0.81
CA ASP A 375 -15.71 -8.82 -1.52
C ASP A 375 -16.71 -8.16 -0.55
N ILE A 376 -17.11 -6.94 -0.90
CA ILE A 376 -18.06 -6.12 -0.17
C ILE A 376 -19.27 -5.85 -1.07
N ALA A 377 -20.45 -5.71 -0.44
CA ALA A 377 -21.71 -5.33 -1.08
C ALA A 377 -22.44 -4.46 -0.11
N VAL A 378 -22.62 -3.18 -0.45
CA VAL A 378 -23.29 -2.19 0.41
C VAL A 378 -24.75 -2.04 -0.05
N SER A 379 -25.68 -1.95 0.89
CA SER A 379 -27.06 -1.75 0.50
C SER A 379 -27.28 -0.30 0.04
N ASN A 380 -28.38 -0.07 -0.69
CA ASN A 380 -28.86 1.23 -1.15
C ASN A 380 -29.66 1.81 -0.01
N GLY A 381 -29.36 3.04 0.40
CA GLY A 381 -30.07 3.68 1.50
C GLY A 381 -29.56 3.40 2.91
N ASP A 382 -29.00 2.20 3.18
CA ASP A 382 -28.50 1.91 4.53
C ASP A 382 -26.95 1.70 4.49
N PRO A 383 -26.14 2.78 4.70
CA PRO A 383 -24.68 2.63 4.69
C PRO A 383 -24.11 1.63 5.68
N ASP A 384 -24.72 1.51 6.89
CA ASP A 384 -24.23 0.60 7.92
C ASP A 384 -24.69 -0.84 7.66
N HIS A 385 -25.48 -1.06 6.61
CA HIS A 385 -25.95 -2.39 6.24
C HIS A 385 -25.21 -2.85 4.99
N PHE A 386 -24.22 -3.72 5.19
CA PHE A 386 -23.41 -4.26 4.11
C PHE A 386 -23.11 -5.72 4.37
N PHE A 387 -22.79 -6.47 3.30
CA PHE A 387 -22.42 -7.88 3.33
C PHE A 387 -20.97 -8.06 2.93
N VAL A 388 -20.33 -9.13 3.45
CA VAL A 388 -18.93 -9.46 3.16
C VAL A 388 -18.81 -10.95 2.78
N GLY A 389 -18.15 -11.21 1.66
CA GLY A 389 -17.90 -12.55 1.18
C GLY A 389 -16.48 -12.97 1.49
N THR A 390 -16.34 -14.02 2.31
CA THR A 390 -15.04 -14.59 2.66
C THR A 390 -14.77 -15.82 1.81
N TRP A 391 -13.53 -15.97 1.35
CA TRP A 391 -13.17 -17.10 0.52
C TRP A 391 -12.81 -18.30 1.43
N GLY A 392 -13.85 -19.06 1.79
CA GLY A 392 -13.74 -20.22 2.66
C GLY A 392 -14.61 -20.22 3.90
N ASN A 393 -14.94 -19.03 4.46
CA ASN A 393 -15.72 -18.94 5.70
C ASN A 393 -17.22 -18.48 5.56
N GLY A 394 -17.69 -18.26 4.33
CA GLY A 394 -19.08 -17.91 4.09
C GLY A 394 -19.40 -16.44 3.86
N LEU A 395 -20.68 -16.09 4.01
CA LEU A 395 -21.22 -14.75 3.84
C LEU A 395 -21.45 -14.11 5.19
N PHE A 396 -21.08 -12.85 5.33
CA PHE A 396 -21.19 -12.14 6.59
C PHE A 396 -22.06 -10.91 6.43
N GLU A 397 -22.91 -10.67 7.43
CA GLU A 397 -23.82 -9.53 7.48
C GLU A 397 -23.35 -8.58 8.54
N PHE A 398 -23.16 -7.32 8.13
CA PHE A 398 -22.79 -6.25 9.05
C PHE A 398 -23.97 -5.30 9.14
N LYS A 399 -24.26 -4.82 10.36
CA LYS A 399 -25.37 -3.93 10.63
C LYS A 399 -25.08 -3.07 11.88
N ASP A 400 -25.12 -1.73 11.69
CA ASP A 400 -24.90 -0.70 12.70
C ASP A 400 -23.59 -0.89 13.53
N GLY A 401 -22.48 -1.08 12.81
CA GLY A 401 -21.13 -1.19 13.38
C GLY A 401 -20.75 -2.48 14.08
N LYS A 402 -21.47 -3.58 13.78
CA LYS A 402 -21.24 -4.91 14.35
C LYS A 402 -21.61 -5.99 13.35
N ALA A 403 -21.03 -7.20 13.47
CA ALA A 403 -21.37 -8.31 12.57
C ALA A 403 -22.54 -9.04 13.14
N ILE A 404 -23.72 -8.86 12.55
CA ILE A 404 -24.94 -9.47 13.08
C ILE A 404 -25.15 -10.95 12.62
N ALA A 405 -24.56 -11.44 11.49
CA ALA A 405 -24.78 -12.83 11.07
C ALA A 405 -23.69 -13.42 10.18
N ARG A 406 -23.49 -14.76 10.29
CA ARG A 406 -22.62 -15.58 9.42
C ARG A 406 -23.47 -16.68 8.72
N TYR A 407 -23.50 -16.64 7.38
CA TYR A 407 -24.24 -17.57 6.53
C TYR A 407 -23.30 -18.53 5.83
N SER A 408 -23.48 -19.83 6.09
CA SER A 408 -22.69 -20.93 5.52
C SER A 408 -23.38 -22.26 5.78
N GLY A 409 -23.50 -23.06 4.73
CA GLY A 409 -24.05 -24.39 4.79
C GLY A 409 -25.56 -24.52 4.87
N ASN A 410 -26.01 -25.61 5.55
CA ASN A 410 -27.41 -26.03 5.75
C ASN A 410 -28.33 -24.87 6.19
N GLU A 411 -29.60 -24.87 5.63
CA GLU A 411 -30.68 -23.89 5.85
C GLU A 411 -30.46 -22.60 5.01
N THR A 412 -29.20 -22.33 4.60
CA THR A 412 -28.73 -21.19 3.80
C THR A 412 -28.47 -21.59 2.32
N ALA A 413 -28.52 -20.62 1.38
CA ALA A 413 -28.22 -20.94 -0.03
C ALA A 413 -26.69 -20.90 -0.29
N ILE A 414 -25.89 -20.48 0.73
CA ILE A 414 -24.42 -20.44 0.73
C ILE A 414 -23.94 -21.90 0.79
N ALA A 415 -23.77 -22.49 -0.40
CA ALA A 415 -23.33 -23.87 -0.62
C ALA A 415 -21.84 -24.06 -0.33
N GLU A 416 -21.49 -25.11 0.41
CA GLU A 416 -20.11 -25.42 0.78
C GLU A 416 -19.49 -26.44 -0.20
N CYS A 417 -18.29 -26.12 -0.74
CA CYS A 417 -17.54 -26.99 -1.64
C CYS A 417 -16.88 -28.11 -0.88
N ASN A 418 -16.60 -27.86 0.41
CA ASN A 418 -16.00 -28.82 1.33
C ASN A 418 -16.69 -28.68 2.69
N PRO A 419 -16.79 -29.74 3.53
CA PRO A 419 -17.48 -29.58 4.82
C PRO A 419 -16.86 -28.46 5.67
N GLY A 420 -17.61 -27.35 5.74
CA GLY A 420 -17.21 -26.14 6.45
C GLY A 420 -16.47 -25.11 5.62
N ASP A 421 -16.51 -25.27 4.27
CA ASP A 421 -15.81 -24.39 3.34
C ASP A 421 -16.73 -23.78 2.27
N ALA A 422 -17.17 -22.54 2.50
CA ALA A 422 -18.04 -21.80 1.58
C ALA A 422 -17.29 -20.55 1.12
N ARG A 423 -16.87 -20.57 -0.14
CA ARG A 423 -16.10 -19.49 -0.74
C ARG A 423 -17.00 -18.57 -1.57
N VAL A 424 -17.28 -17.35 -1.03
CA VAL A 424 -18.20 -16.34 -1.57
C VAL A 424 -17.46 -15.14 -2.21
N LYS A 425 -17.62 -14.96 -3.54
CA LYS A 425 -17.07 -13.82 -4.29
C LYS A 425 -18.15 -13.27 -5.26
N ALA A 426 -17.93 -12.10 -5.91
CA ALA A 426 -18.84 -11.42 -6.87
C ALA A 426 -20.24 -11.10 -6.27
N ILE A 427 -20.28 -10.41 -5.10
CA ILE A 427 -21.54 -10.05 -4.41
C ILE A 427 -21.96 -8.61 -4.71
N ALA A 428 -23.25 -8.42 -5.08
CA ALA A 428 -23.82 -7.10 -5.36
C ALA A 428 -25.30 -7.06 -4.97
N PHE A 429 -25.88 -5.84 -4.89
CA PHE A 429 -27.30 -5.59 -4.59
C PHE A 429 -28.05 -5.12 -5.84
N ASP A 430 -29.33 -5.51 -5.96
CA ASP A 430 -30.11 -5.03 -7.11
C ASP A 430 -30.87 -3.75 -6.74
N ASN A 431 -31.54 -3.12 -7.74
CA ASN A 431 -32.31 -1.89 -7.54
C ASN A 431 -33.50 -2.13 -6.59
N LYS A 432 -33.92 -3.43 -6.42
CA LYS A 432 -35.03 -3.83 -5.56
C LYS A 432 -34.56 -4.15 -4.10
N GLY A 433 -33.27 -4.04 -3.82
CA GLY A 433 -32.72 -4.26 -2.48
C GLY A 433 -32.32 -5.67 -2.10
N ASN A 434 -32.23 -6.57 -3.11
CA ASN A 434 -31.83 -7.97 -2.92
C ASN A 434 -30.34 -8.15 -3.10
N LEU A 435 -29.78 -9.18 -2.44
CA LEU A 435 -28.37 -9.45 -2.56
C LEU A 435 -28.14 -10.61 -3.51
N TRP A 436 -27.54 -10.32 -4.66
CA TRP A 436 -27.14 -11.31 -5.63
C TRP A 436 -25.65 -11.61 -5.42
N GLY A 437 -25.27 -12.84 -5.61
CA GLY A 437 -23.89 -13.24 -5.43
C GLY A 437 -23.61 -14.59 -5.99
N THR A 438 -22.33 -14.91 -6.10
CA THR A 438 -21.87 -16.18 -6.64
C THR A 438 -21.01 -16.91 -5.58
N LEU A 439 -20.90 -18.25 -5.73
CA LEU A 439 -20.14 -19.16 -4.87
C LEU A 439 -19.19 -20.00 -5.70
N GLY A 440 -18.02 -20.26 -5.15
CA GLY A 440 -17.03 -21.06 -5.84
C GLY A 440 -17.08 -22.55 -5.53
N ALA A 441 -16.68 -23.36 -6.55
CA ALA A 441 -16.55 -24.82 -6.60
C ALA A 441 -17.79 -25.61 -6.09
N VAL A 442 -19.03 -25.21 -6.51
CA VAL A 442 -20.31 -25.85 -6.14
C VAL A 442 -21.26 -25.81 -7.33
N GLY A 443 -22.24 -26.73 -7.34
CA GLY A 443 -23.29 -26.83 -8.36
C GLY A 443 -24.13 -25.58 -8.56
N LYS A 444 -25.04 -25.27 -7.58
CA LYS A 444 -25.93 -24.09 -7.59
C LYS A 444 -25.09 -22.84 -7.24
N ASN A 445 -24.31 -22.43 -8.24
CA ASN A 445 -23.32 -21.36 -8.23
C ASN A 445 -23.85 -19.99 -7.85
N ILE A 446 -24.89 -19.50 -8.57
CA ILE A 446 -25.50 -18.18 -8.45
C ILE A 446 -26.60 -18.19 -7.38
N PHE A 447 -26.64 -17.17 -6.50
CA PHE A 447 -27.66 -17.09 -5.46
C PHE A 447 -28.22 -15.66 -5.28
N MET A 448 -29.35 -15.57 -4.56
CA MET A 448 -30.02 -14.36 -4.17
C MET A 448 -30.55 -14.48 -2.73
N TYR A 449 -30.37 -13.39 -1.94
CA TYR A 449 -30.86 -13.27 -0.57
C TYR A 449 -31.72 -12.03 -0.44
N ASP A 450 -32.95 -12.21 0.10
CA ASP A 450 -33.86 -11.10 0.38
C ASP A 450 -33.60 -10.74 1.83
N PRO A 451 -32.87 -9.62 2.12
CA PRO A 451 -32.55 -9.30 3.51
C PRO A 451 -33.80 -9.01 4.35
N GLN A 452 -34.90 -8.60 3.70
CA GLN A 452 -36.15 -8.24 4.34
C GLN A 452 -36.92 -9.49 4.77
N SER A 453 -37.33 -10.33 3.80
CA SER A 453 -38.12 -11.53 4.08
C SER A 453 -37.26 -12.68 4.63
N SER A 454 -35.92 -12.52 4.58
CA SER A 454 -34.90 -13.49 5.00
C SER A 454 -35.08 -14.80 4.23
N THR A 455 -35.33 -14.70 2.91
CA THR A 455 -35.53 -15.87 2.03
C THR A 455 -34.32 -16.03 1.14
N TRP A 456 -34.03 -17.28 0.74
CA TRP A 456 -32.90 -17.67 -0.08
C TRP A 456 -33.35 -18.37 -1.37
N HIS A 457 -32.60 -18.19 -2.46
CA HIS A 457 -32.80 -18.83 -3.75
C HIS A 457 -31.45 -18.98 -4.45
N SER A 458 -31.13 -20.19 -4.89
CA SER A 458 -29.89 -20.45 -5.63
C SER A 458 -30.21 -21.25 -6.88
N PHE A 459 -29.40 -21.04 -7.93
CA PHE A 459 -29.51 -21.70 -9.22
C PHE A 459 -28.16 -21.64 -9.95
N SER A 460 -28.13 -22.13 -11.20
CA SER A 460 -26.96 -22.09 -12.08
C SER A 460 -27.36 -22.35 -13.53
N TYR A 461 -26.37 -22.30 -14.43
CA TYR A 461 -26.51 -22.63 -15.84
C TYR A 461 -25.44 -23.68 -16.14
N PRO A 462 -25.78 -24.90 -16.64
CA PRO A 462 -24.76 -25.97 -16.83
C PRO A 462 -23.41 -25.54 -17.41
N ASP A 463 -23.40 -24.60 -18.36
CA ASP A 463 -22.20 -24.06 -19.01
C ASP A 463 -21.26 -23.31 -17.98
N VAL A 464 -21.81 -22.73 -16.90
CA VAL A 464 -21.04 -22.01 -15.84
C VAL A 464 -21.03 -22.77 -14.48
N ALA A 465 -21.84 -23.84 -14.30
CA ALA A 465 -21.90 -24.58 -13.04
C ALA A 465 -20.59 -25.29 -12.72
N ASN A 466 -20.25 -25.33 -11.41
CA ASN A 466 -19.11 -25.95 -10.74
C ASN A 466 -17.75 -25.31 -11.03
N LEU A 467 -17.71 -24.14 -11.70
CA LEU A 467 -16.43 -23.47 -11.97
C LEU A 467 -15.81 -22.99 -10.66
N ALA A 468 -14.47 -23.09 -10.56
CA ALA A 468 -13.67 -22.75 -9.39
C ALA A 468 -13.99 -21.36 -8.81
N SER A 469 -13.89 -20.28 -9.60
CA SER A 469 -14.14 -18.95 -9.06
C SER A 469 -14.55 -17.94 -10.11
N PHE A 470 -15.54 -17.12 -9.73
CA PHE A 470 -16.04 -15.98 -10.48
C PHE A 470 -15.26 -14.76 -10.00
N GLY A 471 -15.43 -13.64 -10.67
CA GLY A 471 -14.75 -12.39 -10.32
C GLY A 471 -15.63 -11.43 -9.58
N ASN A 472 -16.21 -10.48 -10.30
CA ASN A 472 -17.05 -9.44 -9.72
C ASN A 472 -18.36 -9.30 -10.51
N MET A 473 -19.41 -8.80 -9.86
CA MET A 473 -20.70 -8.69 -10.53
C MET A 473 -21.10 -7.24 -10.81
N ILE A 474 -21.57 -6.97 -12.03
CA ILE A 474 -22.13 -5.66 -12.32
C ILE A 474 -23.56 -5.91 -12.76
N ILE A 475 -24.50 -5.13 -12.24
CA ILE A 475 -25.93 -5.26 -12.54
C ILE A 475 -26.35 -4.00 -13.33
N LEU A 476 -26.61 -4.16 -14.63
CA LEU A 476 -27.03 -3.07 -15.52
C LEU A 476 -28.44 -2.58 -15.16
N PRO A 477 -28.82 -1.30 -15.51
CA PRO A 477 -30.16 -0.78 -15.16
C PRO A 477 -31.34 -1.66 -15.61
N ASN A 478 -31.22 -2.37 -16.74
CA ASN A 478 -32.28 -3.26 -17.24
C ASN A 478 -32.37 -4.60 -16.45
N GLY A 479 -31.48 -4.79 -15.48
CA GLY A 479 -31.48 -5.99 -14.65
C GLY A 479 -30.50 -7.09 -15.01
N ASP A 480 -29.84 -6.98 -16.18
CA ASP A 480 -28.83 -7.93 -16.65
C ASP A 480 -27.68 -7.99 -15.64
N LYS A 481 -27.14 -9.19 -15.40
CA LYS A 481 -26.05 -9.35 -14.45
C LYS A 481 -24.85 -9.90 -15.18
N TRP A 482 -23.72 -9.18 -15.11
CA TRP A 482 -22.46 -9.58 -15.75
C TRP A 482 -21.53 -10.06 -14.69
N VAL A 483 -21.01 -11.28 -14.85
CA VAL A 483 -20.04 -11.85 -13.90
C VAL A 483 -18.84 -12.36 -14.71
N ASN A 484 -17.60 -11.91 -14.39
CA ASN A 484 -16.37 -12.39 -15.03
C ASN A 484 -15.94 -13.74 -14.44
N ILE A 485 -15.23 -14.57 -15.23
CA ILE A 485 -14.75 -15.89 -14.78
C ILE A 485 -13.25 -15.80 -14.46
N LEU A 486 -12.90 -15.97 -13.18
CA LEU A 486 -11.51 -15.92 -12.79
C LEU A 486 -10.82 -17.29 -12.97
N HIS A 487 -11.57 -18.41 -12.77
CA HIS A 487 -11.05 -19.77 -12.90
C HIS A 487 -12.17 -20.85 -13.08
N ARG A 488 -11.97 -21.82 -14.02
CA ARG A 488 -12.87 -22.97 -14.20
C ARG A 488 -12.38 -24.12 -13.34
N SER A 489 -11.13 -24.54 -13.63
CA SER A 489 -10.36 -25.64 -13.06
C SER A 489 -8.89 -25.51 -13.47
N GLY A 490 -8.02 -26.34 -12.87
CA GLY A 490 -6.60 -26.39 -13.15
C GLY A 490 -6.26 -26.93 -14.53
N GLY A 491 -6.01 -26.02 -15.46
CA GLY A 491 -5.66 -26.33 -16.84
C GLY A 491 -6.72 -25.96 -17.86
N SER A 492 -7.76 -25.22 -17.42
CA SER A 492 -8.85 -24.79 -18.30
C SER A 492 -8.69 -23.32 -18.68
N THR A 493 -8.89 -23.03 -19.98
CA THR A 493 -8.79 -21.68 -20.55
C THR A 493 -10.18 -21.07 -20.78
N ARG A 494 -11.26 -21.81 -20.43
CA ARG A 494 -12.68 -21.45 -20.58
C ARG A 494 -13.13 -20.30 -19.60
N LYS A 495 -12.31 -19.26 -19.46
CA LYS A 495 -12.62 -18.10 -18.61
C LYS A 495 -13.17 -17.00 -19.51
N GLY A 496 -14.46 -16.70 -19.35
CA GLY A 496 -15.12 -15.67 -20.12
C GLY A 496 -15.85 -14.68 -19.25
N VAL A 497 -17.11 -14.42 -19.59
CA VAL A 497 -18.06 -13.56 -18.88
C VAL A 497 -19.44 -14.22 -19.02
N LEU A 498 -20.23 -14.18 -17.95
CA LEU A 498 -21.60 -14.67 -18.00
C LEU A 498 -22.58 -13.50 -17.76
N ILE A 499 -23.47 -13.27 -18.74
CA ILE A 499 -24.52 -12.26 -18.66
C ILE A 499 -25.80 -13.04 -18.44
N PHE A 500 -26.62 -12.68 -17.44
CA PHE A 500 -27.88 -13.37 -17.20
C PHE A 500 -28.94 -12.49 -16.55
N ASN A 501 -30.23 -12.82 -16.80
CA ASN A 501 -31.38 -12.12 -16.24
C ASN A 501 -32.38 -13.13 -15.70
N ASP A 502 -32.52 -13.14 -14.37
CA ASP A 502 -33.40 -14.00 -13.57
C ASP A 502 -34.91 -13.81 -13.91
N ARG A 503 -35.26 -12.68 -14.56
CA ARG A 503 -36.59 -12.25 -15.01
C ARG A 503 -37.60 -12.19 -13.82
N GLY A 504 -37.16 -11.60 -12.72
CA GLY A 504 -37.97 -11.42 -11.51
C GLY A 504 -38.24 -12.64 -10.65
N THR A 505 -37.94 -13.84 -11.14
CA THR A 505 -38.18 -15.09 -10.41
C THR A 505 -36.85 -15.83 -10.12
N PRO A 506 -36.20 -15.61 -8.95
CA PRO A 506 -34.94 -16.33 -8.66
C PRO A 506 -35.17 -17.82 -8.31
N GLU A 507 -36.44 -18.23 -8.15
CA GLU A 507 -36.83 -19.60 -7.84
C GLU A 507 -36.93 -20.51 -9.13
N THR A 508 -36.90 -19.88 -10.35
CA THR A 508 -36.90 -20.63 -11.62
C THR A 508 -35.87 -20.08 -12.61
N THR A 509 -35.43 -20.98 -13.50
CA THR A 509 -34.48 -20.79 -14.58
C THR A 509 -35.27 -20.85 -15.89
N SER A 510 -36.46 -21.51 -15.84
CA SER A 510 -37.37 -21.79 -16.96
C SER A 510 -37.76 -20.52 -17.76
N ASP A 511 -37.76 -19.33 -17.12
CA ASP A 511 -38.12 -18.05 -17.75
C ASP A 511 -36.90 -17.12 -17.98
N ASP A 512 -35.72 -17.50 -17.46
CA ASP A 512 -34.47 -16.75 -17.58
C ASP A 512 -33.95 -16.62 -18.99
N SER A 513 -33.14 -15.57 -19.20
CA SER A 513 -32.35 -15.22 -20.38
C SER A 513 -30.90 -15.13 -19.94
N HIS A 514 -29.98 -15.83 -20.64
CA HIS A 514 -28.55 -15.82 -20.29
C HIS A 514 -27.69 -16.07 -21.49
N LEU A 515 -26.48 -15.53 -21.45
CA LEU A 515 -25.51 -15.74 -22.50
C LEU A 515 -24.15 -15.84 -21.90
N TYR A 516 -23.57 -17.03 -22.05
CA TYR A 516 -22.19 -17.28 -21.64
C TYR A 516 -21.26 -16.99 -22.85
N VAL A 517 -20.40 -15.94 -22.70
CA VAL A 517 -19.45 -15.49 -23.71
C VAL A 517 -18.02 -15.80 -23.20
N GLU A 518 -17.55 -17.03 -23.52
CA GLU A 518 -16.24 -17.61 -23.23
C GLU A 518 -15.14 -16.74 -23.83
N GLN A 519 -15.39 -16.17 -25.04
CA GLN A 519 -14.48 -15.25 -25.74
C GLN A 519 -15.28 -14.26 -26.58
N PHE A 520 -14.90 -12.97 -26.47
CA PHE A 520 -15.49 -11.84 -27.19
C PHE A 520 -14.86 -11.71 -28.58
N VAL A 521 -15.54 -10.97 -29.48
CA VAL A 521 -15.12 -10.76 -30.86
C VAL A 521 -15.07 -9.26 -31.20
N ASN A 522 -14.34 -8.91 -32.27
CA ASN A 522 -14.29 -7.55 -32.79
C ASN A 522 -15.38 -7.42 -33.90
N ARG A 523 -15.42 -6.28 -34.62
CA ARG A 523 -16.37 -6.00 -35.71
C ARG A 523 -16.23 -7.01 -36.83
N LEU A 524 -15.01 -7.52 -37.04
CA LEU A 524 -14.70 -8.46 -38.11
C LEU A 524 -14.90 -9.92 -37.72
N GLY A 525 -15.43 -10.16 -36.52
CA GLY A 525 -15.75 -11.49 -36.03
C GLY A 525 -14.60 -12.37 -35.56
N ALA A 526 -13.49 -11.76 -35.20
CA ALA A 526 -12.33 -12.47 -34.70
C ALA A 526 -12.30 -12.37 -33.18
N ALA A 527 -11.64 -13.33 -32.51
CA ALA A 527 -11.47 -13.31 -31.06
C ALA A 527 -10.60 -12.12 -30.62
N ILE A 528 -10.94 -11.49 -29.46
CA ILE A 528 -10.14 -10.38 -28.92
C ILE A 528 -8.75 -10.93 -28.54
N GLY A 529 -8.73 -12.06 -27.85
CA GLY A 529 -7.51 -12.75 -27.46
C GLY A 529 -7.25 -12.77 -25.97
N HIS A 530 -8.20 -12.23 -25.18
CA HIS A 530 -8.13 -12.16 -23.73
C HIS A 530 -8.15 -13.56 -23.11
N LYS A 531 -7.32 -13.75 -22.09
CA LYS A 531 -7.20 -15.02 -21.37
C LYS A 531 -8.09 -14.94 -20.11
N THR A 532 -8.00 -13.83 -19.35
CA THR A 532 -8.84 -13.61 -18.17
C THR A 532 -9.34 -12.17 -18.17
N ILE A 533 -10.59 -11.94 -17.70
CA ILE A 533 -11.24 -10.64 -17.51
C ILE A 533 -11.16 -10.30 -16.03
N TYR A 534 -10.44 -9.23 -15.68
CA TYR A 534 -10.23 -8.88 -14.27
C TYR A 534 -11.13 -7.79 -13.77
N ALA A 535 -11.46 -6.83 -14.64
CA ALA A 535 -12.27 -5.67 -14.30
C ALA A 535 -13.37 -5.43 -15.31
N MET A 536 -14.50 -4.81 -14.87
CA MET A 536 -15.70 -4.41 -15.65
C MET A 536 -16.31 -3.13 -15.11
N ALA A 537 -16.75 -2.21 -16.01
CA ALA A 537 -17.34 -0.93 -15.60
C ALA A 537 -18.35 -0.46 -16.60
N VAL A 538 -19.52 0.03 -16.14
CA VAL A 538 -20.52 0.57 -17.06
C VAL A 538 -20.35 2.11 -17.14
N ASP A 539 -20.13 2.62 -18.34
CA ASP A 539 -19.97 4.06 -18.47
C ASP A 539 -21.34 4.71 -18.67
N HIS A 540 -21.38 6.03 -18.93
CA HIS A 540 -22.65 6.74 -19.13
C HIS A 540 -23.29 6.43 -20.49
N ASN A 541 -22.49 5.96 -21.48
CA ASN A 541 -22.96 5.62 -22.85
C ASN A 541 -23.48 4.15 -22.94
N GLY A 542 -23.87 3.58 -21.79
CA GLY A 542 -24.36 2.22 -21.67
C GLY A 542 -23.41 1.14 -22.15
N SER A 543 -22.07 1.44 -22.10
CA SER A 543 -20.96 0.55 -22.51
C SER A 543 -20.33 -0.16 -21.31
N VAL A 544 -19.97 -1.46 -21.48
CA VAL A 544 -19.31 -2.17 -20.38
C VAL A 544 -17.85 -2.33 -20.77
N TRP A 545 -17.02 -1.45 -20.21
CA TRP A 545 -15.59 -1.45 -20.44
C TRP A 545 -15.00 -2.51 -19.57
N MET A 546 -14.28 -3.46 -20.18
CA MET A 546 -13.64 -4.51 -19.39
C MET A 546 -12.14 -4.54 -19.63
N GLY A 547 -11.42 -4.85 -18.57
CA GLY A 547 -9.98 -4.95 -18.54
C GLY A 547 -9.58 -6.39 -18.42
N SER A 548 -8.48 -6.74 -19.06
CA SER A 548 -7.96 -8.09 -19.11
C SER A 548 -6.42 -8.13 -18.99
N ASP A 549 -5.84 -9.29 -19.26
CA ASP A 549 -4.40 -9.52 -19.28
C ASP A 549 -3.76 -8.87 -20.53
N ILE A 550 -4.56 -8.64 -21.61
CA ILE A 550 -4.08 -8.08 -22.88
C ILE A 550 -4.55 -6.60 -23.09
N GLY A 551 -5.06 -5.97 -22.03
CA GLY A 551 -5.52 -4.59 -22.09
C GLY A 551 -6.99 -4.34 -21.82
N ILE A 552 -7.49 -3.20 -22.31
CA ILE A 552 -8.87 -2.78 -22.11
C ILE A 552 -9.66 -2.83 -23.44
N PHE A 553 -11.00 -3.01 -23.35
CA PHE A 553 -11.96 -3.07 -24.48
C PHE A 553 -13.41 -2.97 -24.00
N GLY A 554 -14.24 -2.27 -24.76
CA GLY A 554 -15.64 -2.04 -24.40
C GLY A 554 -16.71 -2.51 -25.37
N VAL A 555 -17.81 -3.01 -24.78
CA VAL A 555 -18.99 -3.46 -25.50
C VAL A 555 -20.00 -2.31 -25.49
N TYR A 556 -20.36 -1.78 -26.66
CA TYR A 556 -21.35 -0.71 -26.75
C TYR A 556 -22.78 -1.31 -26.59
N ASN A 557 -23.76 -0.49 -26.17
CA ASN A 557 -25.17 -0.87 -25.93
C ASN A 557 -25.22 -2.26 -25.25
N ALA A 558 -24.64 -2.32 -24.03
CA ALA A 558 -24.51 -3.54 -23.23
C ALA A 558 -25.87 -4.14 -22.80
N ALA A 559 -26.90 -3.26 -22.63
CA ALA A 559 -28.27 -3.60 -22.25
C ALA A 559 -28.98 -4.55 -23.27
N GLY A 560 -28.57 -4.51 -24.53
CA GLY A 560 -29.20 -5.36 -25.55
C GLY A 560 -28.51 -6.66 -25.88
N VAL A 561 -27.43 -7.04 -25.16
CA VAL A 561 -26.65 -8.25 -25.47
C VAL A 561 -27.52 -9.49 -25.36
N LEU A 562 -28.36 -9.62 -24.31
CA LEU A 562 -29.23 -10.80 -24.14
C LEU A 562 -30.33 -10.90 -25.22
N SER A 563 -30.71 -9.76 -25.81
CA SER A 563 -31.74 -9.63 -26.83
C SER A 563 -31.19 -9.70 -28.26
N SER A 564 -29.88 -9.47 -28.46
CA SER A 564 -29.24 -9.47 -29.78
C SER A 564 -29.10 -10.87 -30.39
N THR A 565 -29.12 -10.91 -31.74
CA THR A 565 -28.98 -12.11 -32.56
C THR A 565 -27.53 -12.34 -33.05
N SER A 566 -26.50 -11.96 -32.22
CA SER A 566 -25.08 -12.13 -32.55
C SER A 566 -24.18 -12.15 -31.28
N THR A 567 -22.89 -12.60 -31.41
CA THR A 567 -21.95 -12.62 -30.27
C THR A 567 -21.52 -11.18 -30.02
N PRO A 568 -21.59 -10.65 -28.77
CA PRO A 568 -21.26 -9.24 -28.53
C PRO A 568 -19.92 -8.81 -29.09
N ILE A 569 -19.91 -7.62 -29.72
CA ILE A 569 -18.73 -6.99 -30.30
C ILE A 569 -18.08 -6.07 -29.25
N ALA A 570 -16.77 -6.33 -29.03
CA ALA A 570 -15.83 -5.62 -28.17
C ALA A 570 -14.97 -4.73 -29.02
N VAL A 571 -14.81 -3.47 -28.59
CA VAL A 571 -14.00 -2.48 -29.31
C VAL A 571 -12.70 -2.24 -28.54
N ARG A 572 -11.56 -2.56 -29.18
CA ARG A 572 -10.22 -2.29 -28.60
C ARG A 572 -9.85 -0.87 -29.01
N PRO A 573 -9.71 0.07 -28.03
CA PRO A 573 -9.44 1.47 -28.37
C PRO A 573 -8.17 1.64 -29.18
N VAL A 574 -8.21 2.55 -30.15
CA VAL A 574 -7.09 2.85 -31.05
C VAL A 574 -6.62 4.29 -30.79
N GLY A 575 -5.33 4.43 -30.47
CA GLY A 575 -4.71 5.71 -30.21
C GLY A 575 -3.55 6.05 -31.14
N GLY A 576 -3.07 7.28 -31.03
CA GLY A 576 -1.95 7.78 -31.83
C GLY A 576 -2.33 8.48 -33.11
N GLU A 577 -1.36 9.20 -33.68
CA GLU A 577 -1.51 9.95 -34.94
C GLU A 577 -1.81 8.98 -36.08
N GLU A 578 -2.49 9.47 -37.13
CA GLU A 578 -2.87 8.69 -38.32
C GLU A 578 -1.72 7.79 -38.89
N PRO A 579 -0.43 8.22 -39.06
CA PRO A 579 0.57 7.27 -39.62
C PRO A 579 1.02 6.20 -38.62
N ASN A 580 1.05 6.52 -37.30
CA ASN A 580 1.51 5.59 -36.27
C ASN A 580 0.40 5.30 -35.22
N LEU A 581 -0.40 4.24 -35.48
CA LEU A 581 -1.51 3.82 -34.62
C LEU A 581 -1.13 2.56 -33.78
N TYR A 582 -1.92 2.27 -32.70
CA TYR A 582 -1.72 1.17 -31.76
C TYR A 582 -2.96 0.89 -30.88
N TYR A 583 -3.02 -0.31 -30.26
CA TYR A 583 -4.08 -0.58 -29.30
C TYR A 583 -3.64 -0.08 -27.94
N VAL A 584 -4.51 0.69 -27.29
CA VAL A 584 -4.31 1.31 -25.99
C VAL A 584 -4.01 0.20 -24.95
N LEU A 585 -2.73 0.11 -24.59
CA LEU A 585 -2.05 -0.78 -23.66
C LEU A 585 -2.29 -2.30 -23.92
N ASP A 586 -1.62 -2.83 -24.96
CA ASP A 586 -1.56 -4.26 -25.30
C ASP A 586 -0.67 -4.98 -24.28
N LYS A 587 -1.04 -6.23 -23.87
CA LYS A 587 -0.31 -7.11 -22.94
C LYS A 587 -0.17 -6.53 -21.49
N VAL A 588 -0.78 -5.37 -21.20
CA VAL A 588 -0.81 -4.74 -19.89
C VAL A 588 -1.99 -5.33 -19.12
N THR A 589 -1.72 -5.94 -17.94
CA THR A 589 -2.77 -6.54 -17.10
C THR A 589 -3.51 -5.42 -16.34
N VAL A 590 -4.80 -5.24 -16.69
CA VAL A 590 -5.70 -4.24 -16.11
C VAL A 590 -6.48 -4.90 -14.95
N THR A 591 -6.28 -4.36 -13.73
CA THR A 591 -6.86 -4.85 -12.48
C THR A 591 -8.19 -4.15 -12.12
N ASP A 592 -8.30 -2.82 -12.37
CA ASP A 592 -9.54 -2.09 -12.08
C ASP A 592 -9.80 -0.95 -13.06
N ILE A 593 -11.09 -0.59 -13.20
CA ILE A 593 -11.62 0.49 -14.04
C ILE A 593 -12.70 1.23 -13.23
N VAL A 594 -12.63 2.56 -13.23
CA VAL A 594 -13.56 3.49 -12.60
C VAL A 594 -13.89 4.58 -13.65
N VAL A 595 -15.15 5.05 -13.70
CA VAL A 595 -15.58 6.04 -14.71
C VAL A 595 -15.98 7.40 -14.06
N ASP A 596 -15.35 8.48 -14.60
CA ASP A 596 -15.50 9.91 -14.28
C ASP A 596 -16.92 10.44 -14.48
N LYS A 597 -17.13 11.65 -13.95
CA LYS A 597 -18.29 12.52 -14.11
C LYS A 597 -18.26 13.02 -15.55
N LEU A 598 -17.03 13.08 -16.13
CA LEU A 598 -16.75 13.48 -17.51
C LEU A 598 -16.81 12.30 -18.46
N ASN A 599 -17.15 11.10 -17.93
CA ASN A 599 -17.21 9.82 -18.66
C ASN A 599 -15.77 9.35 -19.08
N HIS A 600 -14.74 9.92 -18.43
CA HIS A 600 -13.35 9.54 -18.64
C HIS A 600 -13.07 8.31 -17.80
N LYS A 601 -12.04 7.53 -18.15
CA LYS A 601 -11.78 6.27 -17.46
C LYS A 601 -10.48 6.25 -16.67
N TRP A 602 -10.56 5.90 -15.37
CA TRP A 602 -9.39 5.75 -14.51
C TRP A 602 -9.04 4.28 -14.54
N VAL A 603 -7.89 3.95 -15.12
CA VAL A 603 -7.45 2.57 -15.27
C VAL A 603 -6.25 2.23 -14.37
N ALA A 604 -6.46 1.27 -13.44
CA ALA A 604 -5.43 0.67 -12.60
C ALA A 604 -4.84 -0.53 -13.31
N THR A 605 -3.51 -0.63 -13.32
CA THR A 605 -2.78 -1.71 -13.96
C THR A 605 -1.82 -2.44 -12.99
N GLN A 606 -1.47 -3.67 -13.35
CA GLN A 606 -0.50 -4.49 -12.64
C GLN A 606 0.85 -4.26 -13.30
N GLY A 607 1.63 -3.33 -12.75
CA GLY A 607 2.99 -3.02 -13.19
C GLY A 607 3.27 -1.81 -14.07
N THR A 608 2.26 -1.05 -14.51
CA THR A 608 2.56 0.11 -15.39
C THR A 608 1.90 1.44 -14.88
N GLY A 609 1.51 1.45 -13.62
CA GLY A 609 0.93 2.61 -12.98
C GLY A 609 -0.55 2.81 -13.22
N LEU A 610 -0.97 4.09 -13.17
CA LEU A 610 -2.35 4.56 -13.32
C LEU A 610 -2.51 5.37 -14.60
N TYR A 611 -3.60 5.11 -15.32
CA TYR A 611 -3.92 5.84 -16.55
C TYR A 611 -5.25 6.54 -16.46
N LEU A 612 -5.37 7.66 -17.17
CA LEU A 612 -6.61 8.40 -17.32
C LEU A 612 -6.88 8.43 -18.79
N LEU A 613 -7.97 7.81 -19.24
CA LEU A 613 -8.31 7.76 -20.66
C LEU A 613 -9.55 8.60 -20.98
N SER A 614 -9.72 9.00 -22.25
CA SER A 614 -10.87 9.78 -22.74
C SER A 614 -12.13 8.92 -22.79
N GLU A 615 -13.29 9.53 -23.12
CA GLU A 615 -14.59 8.87 -23.21
C GLU A 615 -14.48 7.45 -23.82
N ASP A 616 -13.95 7.34 -25.05
CA ASP A 616 -13.84 6.09 -25.81
C ASP A 616 -12.53 5.35 -25.59
N CYS A 617 -11.75 5.77 -24.57
CA CYS A 617 -10.46 5.22 -24.18
C CYS A 617 -9.39 5.34 -25.34
N SER A 618 -9.69 6.10 -26.43
CA SER A 618 -8.81 6.29 -27.59
C SER A 618 -7.48 6.95 -27.26
N LYS A 619 -7.53 8.03 -26.46
CA LYS A 619 -6.31 8.75 -26.15
C LYS A 619 -6.03 8.80 -24.64
N ILE A 620 -4.72 8.60 -24.28
CA ILE A 620 -4.24 8.67 -22.91
C ILE A 620 -4.24 10.15 -22.52
N LEU A 621 -5.06 10.54 -21.53
CA LEU A 621 -5.15 11.92 -21.04
C LEU A 621 -4.06 12.22 -19.98
N ALA A 622 -3.59 11.17 -19.25
CA ALA A 622 -2.54 11.22 -18.22
C ALA A 622 -2.16 9.82 -17.75
N GLN A 623 -0.93 9.67 -17.22
CA GLN A 623 -0.39 8.44 -16.64
C GLN A 623 0.56 8.78 -15.46
N PHE A 624 0.31 8.13 -14.30
CA PHE A 624 1.07 8.28 -13.06
C PHE A 624 1.71 6.98 -12.69
N THR A 625 3.01 7.05 -12.37
CA THR A 625 3.88 5.94 -11.96
C THR A 625 4.69 6.38 -10.75
N VAL A 626 5.53 5.47 -10.22
CA VAL A 626 6.39 5.78 -9.09
C VAL A 626 7.46 6.79 -9.54
N GLU A 627 7.85 6.66 -10.81
CA GLU A 627 8.90 7.42 -11.48
C GLU A 627 8.53 8.89 -11.72
N ASN A 628 7.30 9.18 -12.26
CA ASN A 628 6.80 10.53 -12.60
C ASN A 628 5.84 11.13 -11.57
N SER A 629 5.39 10.35 -10.59
CA SER A 629 4.43 10.88 -9.63
C SER A 629 4.66 10.35 -8.19
N PRO A 630 3.99 10.92 -7.16
CA PRO A 630 4.16 10.41 -5.78
C PRO A 630 3.53 9.02 -5.54
N LEU A 631 2.94 8.37 -6.60
CA LEU A 631 2.34 7.02 -6.57
C LEU A 631 3.29 6.01 -5.90
N LEU A 632 2.77 5.34 -4.84
CA LEU A 632 3.51 4.40 -3.98
C LEU A 632 4.03 3.15 -4.73
N SER A 633 3.21 2.57 -5.63
CA SER A 633 3.57 1.39 -6.39
C SER A 633 2.93 1.40 -7.77
N ASN A 634 3.64 0.85 -8.78
CA ASN A 634 3.13 0.71 -10.15
C ASN A 634 2.10 -0.46 -10.22
N ASN A 635 2.06 -1.32 -9.19
CA ASN A 635 1.12 -2.43 -9.10
C ASN A 635 -0.08 -1.99 -8.22
N ILE A 636 -1.19 -1.63 -8.90
CA ILE A 636 -2.45 -1.16 -8.31
C ILE A 636 -3.44 -2.31 -8.35
N LEU A 637 -4.02 -2.62 -7.18
CA LEU A 637 -4.94 -3.74 -6.99
C LEU A 637 -6.41 -3.35 -7.12
N SER A 638 -6.74 -2.09 -6.70
CA SER A 638 -8.10 -1.56 -6.71
C SER A 638 -8.16 -0.02 -6.88
N LEU A 639 -9.35 0.49 -7.23
CA LEU A 639 -9.76 1.88 -7.41
C LEU A 639 -11.18 2.11 -6.79
N ALA A 640 -11.50 3.38 -6.43
CA ALA A 640 -12.78 3.86 -5.89
C ALA A 640 -12.76 5.34 -5.98
N LEU A 641 -13.88 5.94 -6.35
CA LEU A 641 -13.92 7.38 -6.57
C LEU A 641 -15.06 8.03 -5.78
N ASN A 642 -14.71 9.12 -5.06
CA ASN A 642 -15.64 9.94 -4.31
C ASN A 642 -16.10 11.03 -5.27
N ASP A 643 -17.19 10.75 -6.01
CA ASP A 643 -17.73 11.64 -7.05
C ASP A 643 -18.10 13.04 -6.53
N ASP A 644 -18.29 13.18 -5.21
CA ASP A 644 -18.68 14.44 -4.58
C ASP A 644 -17.52 15.41 -4.35
N ASN A 645 -16.32 14.92 -3.96
CA ASN A 645 -15.20 15.83 -3.72
C ASN A 645 -14.03 15.54 -4.67
N GLY A 646 -14.26 14.64 -5.61
CA GLY A 646 -13.29 14.28 -6.64
C GLY A 646 -12.11 13.47 -6.18
N LEU A 647 -12.14 12.92 -4.96
CA LEU A 647 -11.00 12.13 -4.50
C LEU A 647 -11.06 10.70 -5.00
N LEU A 648 -10.05 10.31 -5.80
CA LEU A 648 -9.90 8.94 -6.28
C LEU A 648 -9.01 8.18 -5.29
N TYR A 649 -9.54 7.08 -4.71
CA TYR A 649 -8.82 6.19 -3.78
C TYR A 649 -8.05 5.16 -4.62
N ILE A 650 -6.75 5.01 -4.37
CA ILE A 650 -5.87 4.13 -5.15
C ILE A 650 -5.31 3.09 -4.23
N GLY A 651 -5.78 1.86 -4.36
CA GLY A 651 -5.30 0.76 -3.55
C GLY A 651 -4.06 0.14 -4.18
N THR A 652 -2.86 0.66 -3.87
CA THR A 652 -1.63 0.09 -4.46
C THR A 652 -1.21 -1.13 -3.62
N ALA A 653 -0.29 -1.94 -4.18
CA ALA A 653 0.25 -3.11 -3.49
C ALA A 653 0.98 -2.70 -2.19
N ASP A 654 1.39 -1.43 -2.10
CA ASP A 654 2.09 -0.83 -0.96
C ASP A 654 1.19 0.16 -0.16
N GLY A 655 -0.14 0.01 -0.25
CA GLY A 655 -1.06 0.85 0.51
C GLY A 655 -1.95 1.83 -0.23
N LEU A 656 -2.81 2.50 0.56
CA LEU A 656 -3.79 3.45 0.07
C LEU A 656 -3.22 4.87 -0.16
N MET A 657 -3.71 5.45 -1.25
CA MET A 657 -3.40 6.78 -1.75
C MET A 657 -4.67 7.46 -2.23
N THR A 658 -4.65 8.81 -2.34
CA THR A 658 -5.75 9.62 -2.86
C THR A 658 -5.22 10.70 -3.76
N PHE A 659 -5.84 10.83 -4.94
CA PHE A 659 -5.53 11.83 -5.94
C PHE A 659 -6.76 12.70 -6.18
N GLN A 660 -6.59 14.05 -6.12
CA GLN A 660 -7.69 14.99 -6.36
C GLN A 660 -7.88 15.11 -7.85
N THR A 661 -8.97 14.51 -8.34
CA THR A 661 -9.34 14.39 -9.75
C THR A 661 -9.85 15.73 -10.34
N GLY A 662 -10.47 16.56 -9.49
CA GLY A 662 -11.05 17.84 -9.91
C GLY A 662 -12.38 17.59 -10.61
N THR A 663 -13.00 16.43 -10.27
CA THR A 663 -14.23 15.87 -10.79
C THR A 663 -15.31 16.01 -9.69
N GLY A 664 -14.95 16.71 -8.63
CA GLY A 664 -15.84 16.98 -7.50
C GLY A 664 -17.07 17.81 -7.79
N SER A 665 -18.15 17.50 -7.05
CA SER A 665 -19.43 18.20 -7.09
C SER A 665 -19.46 19.22 -5.93
N GLY A 666 -18.38 20.01 -5.87
CA GLY A 666 -18.18 21.09 -4.93
C GLY A 666 -18.83 22.31 -5.53
N SER A 667 -20.00 22.69 -4.99
CA SER A 667 -20.83 23.78 -5.49
C SER A 667 -20.14 25.18 -5.43
N ALA A 668 -20.07 25.77 -4.22
CA ALA A 668 -19.52 27.12 -3.98
C ALA A 668 -18.02 27.11 -3.75
N SER A 669 -17.37 28.21 -4.21
CA SER A 669 -15.93 28.49 -4.14
C SER A 669 -15.07 27.49 -4.96
N GLU A 670 -15.71 26.74 -5.89
CA GLU A 670 -15.04 25.72 -6.71
C GLU A 670 -13.95 26.32 -7.63
N LEU A 671 -14.15 27.55 -8.13
CA LEU A 671 -13.15 28.20 -8.97
C LEU A 671 -12.41 29.30 -8.23
N ASP A 672 -12.78 29.54 -6.96
CA ASP A 672 -12.16 30.56 -6.10
C ASP A 672 -10.67 30.25 -5.83
N GLY A 673 -10.23 29.04 -6.16
CA GLY A 673 -8.85 28.61 -5.94
C GLY A 673 -7.94 28.58 -7.16
N VAL A 674 -8.35 29.18 -8.29
CA VAL A 674 -7.48 29.14 -9.49
C VAL A 674 -6.31 30.12 -9.29
N TYR A 675 -5.08 29.75 -9.74
CA TYR A 675 -3.86 30.57 -9.65
C TYR A 675 -2.79 30.18 -10.70
N VAL A 676 -1.91 31.13 -11.05
CA VAL A 676 -0.81 30.92 -12.00
C VAL A 676 0.50 31.00 -11.26
N TYR A 677 1.41 30.09 -11.57
CA TYR A 677 2.75 30.08 -10.99
C TYR A 677 3.72 29.62 -12.06
N PRO A 678 4.81 30.38 -12.27
CA PRO A 678 5.20 31.58 -11.52
C PRO A 678 4.57 32.88 -12.05
N ASN A 679 4.27 33.79 -11.12
CA ASN A 679 3.75 35.11 -11.41
C ASN A 679 4.58 36.12 -10.59
N PRO A 680 5.42 36.97 -11.24
CA PRO A 680 5.59 37.09 -12.70
C PRO A 680 6.48 36.00 -13.29
N LEU A 681 6.37 35.79 -14.63
CA LEU A 681 7.20 34.83 -15.35
C LEU A 681 8.48 35.54 -15.83
N ARG A 682 9.61 35.24 -15.15
CA ARG A 682 10.91 35.84 -15.39
C ARG A 682 11.74 35.04 -16.42
N PRO A 683 12.71 35.68 -17.12
CA PRO A 683 13.49 34.95 -18.14
C PRO A 683 14.33 33.78 -17.61
N GLU A 684 14.67 33.77 -16.31
CA GLU A 684 15.44 32.67 -15.71
C GLU A 684 14.55 31.42 -15.44
N TYR A 685 13.19 31.57 -15.41
CA TYR A 685 12.22 30.47 -15.27
C TYR A 685 11.88 29.99 -16.68
N PRO A 686 12.53 28.95 -17.27
CA PRO A 686 12.27 28.67 -18.70
C PRO A 686 11.01 27.87 -19.01
N ASP A 687 10.77 26.74 -18.31
CA ASP A 687 9.67 25.79 -18.53
C ASP A 687 8.28 26.44 -18.91
N GLY A 688 7.92 27.60 -18.35
CA GLY A 688 6.65 28.31 -18.64
C GLY A 688 5.78 28.55 -17.42
N VAL A 689 4.42 28.56 -17.58
CA VAL A 689 3.49 28.77 -16.47
C VAL A 689 2.56 27.55 -16.27
N THR A 690 2.07 27.39 -15.02
CA THR A 690 1.13 26.34 -14.62
C THR A 690 -0.14 26.97 -14.03
N ILE A 691 -1.31 26.65 -14.64
CA ILE A 691 -2.63 27.05 -14.14
C ILE A 691 -2.99 25.98 -13.17
N ALA A 692 -3.26 26.35 -11.91
CA ALA A 692 -3.59 25.36 -10.89
C ALA A 692 -4.86 25.76 -10.12
N GLY A 693 -5.34 24.85 -9.26
CA GLY A 693 -6.57 25.03 -8.50
C GLY A 693 -7.84 24.96 -9.34
N LEU A 694 -7.73 24.40 -10.58
CA LEU A 694 -8.85 24.26 -11.50
C LEU A 694 -9.77 23.11 -11.15
N GLN A 695 -10.79 22.89 -12.00
CA GLN A 695 -11.77 21.81 -11.92
C GLN A 695 -11.78 21.13 -13.27
N ALA A 696 -11.69 19.79 -13.33
CA ALA A 696 -11.66 19.05 -14.59
C ALA A 696 -12.96 19.28 -15.38
N GLY A 697 -12.81 19.58 -16.66
CA GLY A 697 -13.91 19.87 -17.59
C GLY A 697 -14.09 21.36 -17.89
N CYS A 698 -13.24 22.21 -17.29
CA CYS A 698 -13.30 23.66 -17.41
C CYS A 698 -12.68 24.12 -18.70
N SER A 699 -13.24 25.20 -19.27
CA SER A 699 -12.65 25.86 -20.41
C SER A 699 -11.58 26.80 -19.86
N VAL A 700 -10.36 26.76 -20.42
CA VAL A 700 -9.25 27.62 -19.98
C VAL A 700 -8.69 28.29 -21.21
N LYS A 701 -8.78 29.63 -21.29
CA LYS A 701 -8.27 30.40 -22.43
C LYS A 701 -7.39 31.58 -21.98
N ILE A 702 -6.21 31.73 -22.62
CA ILE A 702 -5.23 32.77 -22.31
C ILE A 702 -5.31 33.86 -23.38
N THR A 703 -5.50 35.12 -22.94
CA THR A 703 -5.58 36.28 -23.82
C THR A 703 -4.64 37.41 -23.41
N ASP A 704 -4.28 38.26 -24.37
CA ASP A 704 -3.48 39.45 -24.12
C ASP A 704 -4.42 40.54 -23.57
N THR A 705 -3.87 41.70 -23.15
CA THR A 705 -4.67 42.78 -22.58
C THR A 705 -5.72 43.25 -23.60
N THR A 706 -5.44 43.09 -24.93
CA THR A 706 -6.34 43.37 -26.06
C THR A 706 -7.57 42.44 -25.96
N GLY A 707 -7.31 41.13 -25.89
CA GLY A 707 -8.33 40.11 -25.80
C GLY A 707 -8.18 38.96 -26.78
N ARG A 708 -7.12 38.95 -27.62
CA ARG A 708 -6.92 37.87 -28.60
C ARG A 708 -6.36 36.61 -27.91
N LEU A 709 -7.06 35.46 -28.06
CA LEU A 709 -6.63 34.23 -27.39
C LEU A 709 -5.35 33.68 -28.06
N LEU A 710 -4.40 33.26 -27.22
CA LEU A 710 -3.09 32.74 -27.59
C LEU A 710 -2.97 31.24 -27.31
N TYR A 711 -3.81 30.71 -26.37
CA TYR A 711 -3.87 29.29 -25.97
C TYR A 711 -5.22 28.98 -25.34
N GLN A 712 -5.80 27.83 -25.72
CA GLN A 712 -7.11 27.38 -25.23
C GLN A 712 -7.14 25.86 -25.05
N THR A 713 -7.60 25.39 -23.87
CA THR A 713 -7.78 23.97 -23.55
C THR A 713 -8.95 23.76 -22.61
N GLU A 714 -9.24 22.49 -22.33
CA GLU A 714 -10.19 22.03 -21.34
C GLU A 714 -9.37 21.50 -20.19
N SER A 715 -9.88 21.52 -18.96
CA SER A 715 -9.10 21.02 -17.84
C SER A 715 -9.18 19.49 -17.80
N VAL A 716 -7.99 18.85 -17.78
CA VAL A 716 -7.88 17.37 -17.73
C VAL A 716 -8.01 16.93 -16.25
N THR A 717 -7.13 17.49 -15.38
CA THR A 717 -6.99 17.30 -13.95
C THR A 717 -7.29 18.66 -13.24
N THR A 718 -6.51 19.01 -12.22
CA THR A 718 -6.60 20.22 -11.40
C THR A 718 -5.66 21.26 -11.97
N GLU A 719 -4.77 20.83 -12.88
CA GLU A 719 -3.78 21.66 -13.53
C GLU A 719 -3.87 21.66 -15.06
N VAL A 720 -3.43 22.77 -15.65
CA VAL A 720 -3.27 23.06 -17.08
C VAL A 720 -1.90 23.78 -17.19
N LYS A 721 -1.09 23.44 -18.20
CA LYS A 721 0.21 24.08 -18.37
C LYS A 721 0.31 24.80 -19.72
N TRP A 722 1.06 25.92 -19.73
CA TRP A 722 1.32 26.71 -20.92
C TRP A 722 2.84 26.94 -21.06
N ASN A 723 3.37 26.65 -22.26
CA ASN A 723 4.79 26.80 -22.63
C ASN A 723 5.25 28.29 -22.65
N ALA A 724 4.26 29.24 -22.63
CA ALA A 724 4.37 30.71 -22.60
C ALA A 724 5.15 31.29 -23.79
N ARG A 725 5.15 30.56 -24.91
CA ARG A 725 5.83 30.93 -26.16
C ARG A 725 4.82 31.07 -27.32
N GLY A 726 5.26 31.73 -28.38
CA GLY A 726 4.45 31.93 -29.58
C GLY A 726 4.53 30.76 -30.54
N ALA A 727 4.02 30.96 -31.78
CA ALA A 727 4.04 29.93 -32.80
C ALA A 727 5.45 29.70 -33.32
N ASP A 728 6.30 30.76 -33.21
CA ASP A 728 7.72 30.84 -33.60
C ASP A 728 8.66 30.15 -32.57
N GLY A 729 8.10 29.61 -31.48
CA GLY A 729 8.82 28.90 -30.43
C GLY A 729 9.59 29.77 -29.44
N ASN A 730 9.71 31.07 -29.72
CA ASN A 730 10.37 32.04 -28.86
C ASN A 730 9.34 32.51 -27.86
N ARG A 731 9.76 32.85 -26.62
CA ARG A 731 8.81 33.27 -25.59
C ARG A 731 8.03 34.51 -26.02
N VAL A 732 6.75 34.47 -25.66
CA VAL A 732 5.72 35.50 -25.79
C VAL A 732 6.27 36.81 -25.17
N ALA A 733 5.90 37.97 -25.77
CA ALA A 733 6.32 39.31 -25.33
C ALA A 733 5.95 39.63 -23.86
N SER A 734 6.57 40.70 -23.30
CA SER A 734 6.25 41.14 -21.94
C SER A 734 4.82 41.68 -21.90
N GLY A 735 4.24 41.75 -20.71
CA GLY A 735 2.88 42.25 -20.54
C GLY A 735 2.07 41.48 -19.54
N VAL A 736 0.79 41.86 -19.42
CA VAL A 736 -0.16 41.25 -18.51
C VAL A 736 -1.08 40.38 -19.33
N TYR A 737 -1.08 39.08 -19.02
CA TYR A 737 -1.87 38.09 -19.73
C TYR A 737 -3.00 37.65 -18.82
N ALA A 738 -4.07 37.07 -19.40
CA ALA A 738 -5.23 36.69 -18.62
C ALA A 738 -5.67 35.29 -18.93
N VAL A 739 -6.13 34.61 -17.88
CA VAL A 739 -6.63 33.25 -17.88
C VAL A 739 -8.12 33.31 -17.54
N ALA A 740 -8.95 32.97 -18.53
CA ALA A 740 -10.41 32.94 -18.38
C ALA A 740 -10.82 31.49 -18.23
N VAL A 741 -11.38 31.17 -17.05
CA VAL A 741 -11.83 29.83 -16.69
C VAL A 741 -13.34 29.80 -16.62
N TYR A 742 -13.96 28.99 -17.47
CA TYR A 742 -15.41 28.83 -17.46
C TYR A 742 -15.79 27.36 -17.29
N ASP A 743 -16.64 27.07 -16.29
CA ASP A 743 -17.13 25.70 -16.13
C ASP A 743 -18.53 25.64 -16.76
N PRO A 744 -18.73 24.78 -17.78
CA PRO A 744 -20.05 24.73 -18.46
C PRO A 744 -21.20 24.28 -17.55
N VAL A 745 -20.88 23.45 -16.53
CA VAL A 745 -21.77 22.84 -15.53
C VAL A 745 -22.46 23.86 -14.58
N SER A 746 -21.68 24.80 -13.95
CA SER A 746 -22.22 25.80 -13.02
C SER A 746 -22.59 27.14 -13.71
N LYS A 747 -22.08 27.36 -14.95
CA LYS A 747 -22.26 28.56 -15.77
C LYS A 747 -21.54 29.77 -15.13
N LYS A 748 -20.51 29.50 -14.30
CA LYS A 748 -19.68 30.50 -13.62
C LYS A 748 -18.29 30.60 -14.27
N SER A 749 -17.71 31.80 -14.21
CA SER A 749 -16.41 32.12 -14.78
C SER A 749 -15.41 32.62 -13.72
N LYS A 750 -14.11 32.59 -14.05
CA LYS A 750 -13.04 33.07 -13.21
C LYS A 750 -11.97 33.73 -14.08
N LEU A 751 -11.82 35.04 -13.91
CA LEU A 751 -10.85 35.78 -14.67
C LEU A 751 -9.69 36.14 -13.75
N ILE A 752 -8.53 35.54 -14.03
CA ILE A 752 -7.33 35.76 -13.25
C ILE A 752 -6.20 36.23 -14.20
N ARG A 753 -5.32 37.10 -13.71
CA ARG A 753 -4.25 37.67 -14.53
C ARG A 753 -2.87 37.35 -13.96
N PHE A 754 -1.85 37.25 -14.84
CA PHE A 754 -0.45 37.01 -14.50
C PHE A 754 0.46 37.85 -15.43
N ALA A 755 1.66 38.20 -14.94
CA ALA A 755 2.57 39.04 -15.70
C ALA A 755 3.77 38.29 -16.27
N VAL A 756 4.17 38.69 -17.50
CA VAL A 756 5.38 38.26 -18.22
C VAL A 756 6.30 39.48 -18.18
N ILE A 757 7.49 39.35 -17.55
CA ILE A 757 8.42 40.48 -17.37
C ILE A 757 9.79 40.20 -18.00
N ARG A 758 10.42 41.27 -18.55
CA ARG A 758 11.74 41.27 -19.19
C ARG A 758 12.91 40.87 -18.24
#